data_5K0P
#
_entry.id   5K0P
#
_cell.length_a   62.210
_cell.length_b   124.995
_cell.length_c   74.404
_cell.angle_alpha   90.000
_cell.angle_beta   112.270
_cell.angle_gamma   90.000
#
_symmetry.space_group_name_H-M   'P 1 21 1'
#
loop_
_entity.id
_entity.type
_entity.pdbx_description
1 polymer 'Archeaosine synthase QueF-Like'
2 non-polymer 'THIOCYANATE ION'
3 non-polymer 'TRIETHYLENE GLYCOL'
4 non-polymer 'TETRAETHYLENE GLYCOL'
5 water water
#
_entity_poly.entity_id   1
_entity_poly.type   'polypeptide(L)'
_entity_poly.pdbx_seq_one_letter_code
;MLKVSKSPSLVRLKTRGESVCPISKTVDSFEVSVEYIPRGAVLAIEEFKKMVDSYRGREILHEELAVDLLEKVKAAVNPP
YVKVTVKSYYIGVEVEVVAESGGVPPVYI
;
_entity_poly.pdbx_strand_id   A,B,C,D,E,F,G,H,I,J
#
loop_
_chem_comp.id
_chem_comp.type
_chem_comp.name
_chem_comp.formula
PG4 non-polymer 'TETRAETHYLENE GLYCOL' 'C8 H18 O5'
PGE non-polymer 'TRIETHYLENE GLYCOL' 'C6 H14 O4'
SCN non-polymer 'THIOCYANATE ION' 'C N S -1'
#
# COMPACT_ATOMS: atom_id res chain seq x y z
N LYS A 6 11.37 11.33 34.52
CA LYS A 6 10.07 11.90 34.08
C LYS A 6 9.54 10.94 33.03
N SER A 7 8.26 10.60 33.09
CA SER A 7 7.77 9.47 32.32
C SER A 7 7.27 9.95 30.92
N PRO A 8 7.00 9.00 30.01
CA PRO A 8 6.39 9.40 28.75
C PRO A 8 5.03 10.07 28.90
N SER A 9 4.66 10.80 27.87
CA SER A 9 3.35 11.37 27.71
C SER A 9 2.28 10.35 27.30
N LEU A 10 2.64 9.36 26.51
CA LEU A 10 1.70 8.39 25.94
C LEU A 10 2.50 7.16 25.55
N VAL A 11 1.96 5.99 25.84
CA VAL A 11 2.51 4.75 25.32
C VAL A 11 1.43 4.00 24.57
N ARG A 12 1.82 3.42 23.43
CA ARG A 12 0.94 2.63 22.59
CA ARG A 12 0.96 2.61 22.58
C ARG A 12 1.56 1.26 22.49
N LEU A 13 0.78 0.23 22.79
CA LEU A 13 1.23 -1.18 22.63
C LEU A 13 0.30 -1.93 21.75
N LYS A 14 0.81 -2.82 20.90
CA LYS A 14 -0.02 -3.53 19.96
C LYS A 14 0.53 -4.90 19.78
N THR A 15 -0.33 -5.91 19.88
CA THR A 15 0.14 -7.27 19.70
C THR A 15 -0.99 -8.23 19.29
N ARG A 16 -0.68 -9.49 19.03
CA ARG A 16 -1.70 -10.48 18.66
C ARG A 16 -2.01 -11.32 19.89
N GLY A 17 -3.19 -11.86 19.95
CA GLY A 17 -3.54 -12.78 21.01
C GLY A 17 -4.60 -13.76 20.55
N GLU A 18 -5.08 -14.60 21.48
CA GLU A 18 -6.14 -15.49 21.18
C GLU A 18 -6.95 -15.85 22.44
N SER A 19 -8.21 -16.18 22.22
CA SER A 19 -9.07 -16.66 23.30
C SER A 19 -9.85 -17.82 22.70
N VAL A 20 -10.86 -18.31 23.39
CA VAL A 20 -11.75 -19.31 22.89
C VAL A 20 -13.19 -18.71 22.81
N CYS A 21 -13.81 -18.82 21.63
CA CYS A 21 -15.13 -18.28 21.40
C CYS A 21 -16.15 -19.16 22.18
N PRO A 22 -16.92 -18.55 23.11
CA PRO A 22 -17.84 -19.39 23.93
C PRO A 22 -18.90 -20.02 23.13
N ILE A 23 -19.34 -19.40 22.04
N ILE A 23 -19.32 -19.33 22.06
CA ILE A 23 -20.43 -19.96 21.28
CA ILE A 23 -20.37 -19.77 21.14
C ILE A 23 -19.98 -21.19 20.49
C ILE A 23 -20.00 -21.10 20.47
N SER A 24 -18.86 -21.14 19.79
CA SER A 24 -18.38 -22.29 18.98
C SER A 24 -17.27 -23.15 19.59
N LYS A 25 -16.78 -22.79 20.79
CA LYS A 25 -15.67 -23.48 21.44
C LYS A 25 -14.37 -23.62 20.58
N THR A 26 -14.15 -22.66 19.70
CA THR A 26 -12.95 -22.62 18.85
C THR A 26 -12.11 -21.34 19.10
N VAL A 27 -10.89 -21.38 18.59
CA VAL A 27 -9.95 -20.34 18.81
C VAL A 27 -10.45 -19.09 18.12
N ASP A 28 -10.31 -17.98 18.83
CA ASP A 28 -10.81 -16.70 18.43
C ASP A 28 -9.56 -15.83 18.49
N SER A 29 -8.94 -15.67 17.33
CA SER A 29 -7.71 -14.91 17.19
C SER A 29 -7.97 -13.39 17.16
N PHE A 30 -7.11 -12.55 17.73
CA PHE A 30 -7.28 -11.13 17.75
C PHE A 30 -6.01 -10.34 17.67
N GLU A 31 -6.18 -9.05 17.30
CA GLU A 31 -5.18 -8.08 17.49
C GLU A 31 -5.65 -7.09 18.60
N VAL A 32 -4.79 -6.79 19.54
CA VAL A 32 -5.12 -5.88 20.62
C VAL A 32 -4.18 -4.72 20.64
N SER A 33 -4.75 -3.52 20.78
CA SER A 33 -4.00 -2.24 20.86
C SER A 33 -4.34 -1.63 22.21
N VAL A 34 -3.33 -1.25 22.99
CA VAL A 34 -3.56 -0.49 24.21
C VAL A 34 -2.81 0.81 24.17
N GLU A 35 -3.48 1.86 24.62
CA GLU A 35 -2.80 3.14 24.68
C GLU A 35 -3.11 3.72 26.03
N TYR A 36 -2.10 4.25 26.70
CA TYR A 36 -2.27 4.86 28.01
C TYR A 36 -1.30 5.98 28.36
N ILE A 37 -1.67 6.82 29.34
CA ILE A 37 -0.78 7.86 29.85
C ILE A 37 -0.24 7.38 31.16
N PRO A 38 1.11 7.23 31.25
CA PRO A 38 1.72 6.82 32.51
C PRO A 38 1.55 7.92 33.53
N ARG A 39 1.40 7.49 34.81
CA ARG A 39 1.55 8.36 35.98
C ARG A 39 2.53 7.72 36.97
N GLY A 40 3.80 8.00 36.80
CA GLY A 40 4.83 7.31 37.61
C GLY A 40 4.89 5.77 37.66
N ALA A 41 4.24 5.11 36.71
CA ALA A 41 4.56 3.74 36.42
C ALA A 41 4.25 3.49 34.96
N VAL A 42 5.28 2.95 34.30
CA VAL A 42 5.19 2.40 32.97
C VAL A 42 4.93 0.91 33.10
N LEU A 43 3.96 0.44 32.32
CA LEU A 43 3.66 -1.00 32.23
C LEU A 43 4.80 -1.73 31.46
N ALA A 44 5.47 -2.67 32.14
CA ALA A 44 6.55 -3.42 31.49
C ALA A 44 5.95 -4.19 30.34
N ILE A 45 6.68 -4.25 29.23
CA ILE A 45 6.15 -4.90 28.08
C ILE A 45 5.89 -6.35 28.38
N GLU A 46 6.76 -6.92 29.18
CA GLU A 46 6.71 -8.36 29.50
C GLU A 46 5.44 -8.56 30.26
N GLU A 47 5.05 -7.64 31.15
CA GLU A 47 3.82 -7.77 31.94
C GLU A 47 2.61 -7.61 31.05
N PHE A 48 2.64 -6.63 30.15
CA PHE A 48 1.60 -6.57 29.11
C PHE A 48 1.37 -7.88 28.28
N LYS A 49 2.45 -8.44 27.72
CA LYS A 49 2.33 -9.65 26.96
C LYS A 49 1.75 -10.83 27.82
N LYS A 50 2.17 -10.97 29.06
CA LYS A 50 1.52 -12.00 29.96
C LYS A 50 -0.03 -11.72 30.12
N MET A 51 -0.42 -10.46 30.31
CA MET A 51 -1.86 -10.14 30.41
C MET A 51 -2.59 -10.64 29.16
N VAL A 52 -2.01 -10.37 28.00
CA VAL A 52 -2.67 -10.72 26.78
C VAL A 52 -2.67 -12.26 26.63
N ASP A 53 -1.53 -12.92 26.86
CA ASP A 53 -1.48 -14.37 26.76
C ASP A 53 -2.36 -15.07 27.79
N SER A 54 -2.76 -14.38 28.85
CA SER A 54 -3.59 -15.04 29.85
C SER A 54 -4.86 -15.59 29.29
N TYR A 55 -5.34 -15.04 28.18
CA TYR A 55 -6.65 -15.41 27.60
C TYR A 55 -6.59 -16.69 26.72
N ARG A 56 -5.38 -17.17 26.44
CA ARG A 56 -5.22 -18.36 25.61
C ARG A 56 -5.96 -19.47 26.35
N GLY A 57 -6.76 -20.19 25.63
CA GLY A 57 -7.58 -21.23 26.22
C GLY A 57 -8.77 -20.80 27.04
N ARG A 58 -9.02 -19.50 27.19
CA ARG A 58 -10.10 -19.03 28.04
C ARG A 58 -11.29 -18.66 27.15
N GLU A 59 -12.45 -19.10 27.56
CA GLU A 59 -13.70 -18.79 26.86
C GLU A 59 -14.15 -17.45 27.34
N ILE A 60 -14.19 -16.51 26.43
CA ILE A 60 -14.53 -15.15 26.81
C ILE A 60 -14.88 -14.40 25.56
N LEU A 61 -15.98 -13.66 25.57
CA LEU A 61 -16.32 -12.84 24.38
C LEU A 61 -15.31 -11.67 24.22
N HIS A 62 -14.98 -11.28 22.96
CA HIS A 62 -14.07 -10.13 22.82
C HIS A 62 -14.57 -8.81 23.45
N GLU A 63 -15.88 -8.63 23.48
CA GLU A 63 -16.45 -7.48 24.14
C GLU A 63 -16.08 -7.44 25.62
N GLU A 64 -15.93 -8.62 26.26
CA GLU A 64 -15.57 -8.75 27.68
C GLU A 64 -14.10 -8.68 27.85
N LEU A 65 -13.40 -9.36 26.95
CA LEU A 65 -11.96 -9.30 26.94
C LEU A 65 -11.45 -7.87 26.91
N ALA A 66 -11.95 -7.01 26.00
CA ALA A 66 -11.44 -5.62 25.96
C ALA A 66 -11.55 -4.91 27.30
N VAL A 67 -12.71 -5.11 27.93
CA VAL A 67 -13.00 -4.52 29.24
C VAL A 67 -12.15 -5.16 30.36
N ASP A 68 -11.98 -6.46 30.32
CA ASP A 68 -11.17 -7.16 31.30
C ASP A 68 -9.70 -6.71 31.23
N LEU A 69 -9.17 -6.58 30.03
CA LEU A 69 -7.80 -6.17 29.83
C LEU A 69 -7.63 -4.71 30.29
N LEU A 70 -8.59 -3.85 30.04
CA LEU A 70 -8.58 -2.45 30.61
C LEU A 70 -8.45 -2.42 32.09
N GLU A 71 -9.22 -3.33 32.72
CA GLU A 71 -9.22 -3.45 34.16
C GLU A 71 -7.89 -3.98 34.61
N LYS A 72 -7.27 -4.92 33.87
CA LYS A 72 -5.93 -5.36 34.21
C LYS A 72 -4.89 -4.26 34.20
N VAL A 73 -4.95 -3.44 33.14
CA VAL A 73 -3.98 -2.38 32.97
C VAL A 73 -4.21 -1.27 34.02
N LYS A 74 -5.44 -0.96 34.32
CA LYS A 74 -5.68 0.07 35.31
C LYS A 74 -5.19 -0.39 36.65
N ALA A 75 -5.37 -1.68 36.95
CA ALA A 75 -4.93 -2.18 38.24
C ALA A 75 -3.41 -2.20 38.37
N ALA A 76 -2.69 -2.57 37.31
CA ALA A 76 -1.25 -2.55 37.33
C ALA A 76 -0.61 -1.15 37.44
N VAL A 77 -1.12 -0.14 36.74
CA VAL A 77 -0.43 1.19 36.76
C VAL A 77 -1.27 2.39 36.96
N ASN A 78 -2.55 2.24 37.28
CA ASN A 78 -3.45 3.35 37.58
C ASN A 78 -3.23 4.58 36.74
N PRO A 79 -3.34 4.45 35.39
CA PRO A 79 -3.04 5.58 34.53
C PRO A 79 -4.27 6.45 34.42
N PRO A 80 -4.11 7.76 34.22
CA PRO A 80 -5.29 8.63 34.07
C PRO A 80 -6.08 8.45 32.78
N TYR A 81 -5.49 7.75 31.80
CA TYR A 81 -6.16 7.46 30.55
C TYR A 81 -5.65 6.11 30.08
N VAL A 82 -6.57 5.29 29.65
CA VAL A 82 -6.30 3.95 29.01
C VAL A 82 -7.39 3.67 28.03
N LYS A 83 -6.98 3.16 26.87
CA LYS A 83 -7.88 2.66 25.89
C LYS A 83 -7.35 1.35 25.36
N VAL A 84 -8.27 0.38 25.22
CA VAL A 84 -8.02 -0.94 24.73
C VAL A 84 -8.90 -1.24 23.54
N THR A 85 -8.33 -1.75 22.46
CA THR A 85 -9.04 -1.99 21.26
C THR A 85 -8.69 -3.39 20.83
N VAL A 86 -9.74 -4.21 20.70
CA VAL A 86 -9.63 -5.62 20.30
C VAL A 86 -10.29 -5.80 18.96
N LYS A 87 -9.52 -6.29 17.96
CA LYS A 87 -9.96 -6.43 16.57
C LYS A 87 -9.92 -7.91 16.25
N SER A 88 -11.04 -8.45 15.77
CA SER A 88 -11.14 -9.80 15.36
C SER A 88 -12.12 -9.90 14.20
N TYR A 89 -12.28 -11.14 13.73
CA TYR A 89 -12.99 -11.44 12.51
C TYR A 89 -13.82 -12.69 12.80
N TYR A 90 -15.14 -12.54 12.70
CA TYR A 90 -16.07 -13.56 13.12
C TYR A 90 -17.21 -13.61 12.11
N ILE A 91 -17.58 -14.79 11.63
CA ILE A 91 -18.63 -14.97 10.64
C ILE A 91 -18.62 -13.95 9.54
N GLY A 92 -17.43 -13.61 9.05
CA GLY A 92 -17.32 -12.67 7.92
C GLY A 92 -17.44 -11.19 8.27
N VAL A 93 -17.44 -10.90 9.57
CA VAL A 93 -17.55 -9.56 10.10
C VAL A 93 -16.23 -9.19 10.80
N GLU A 94 -15.65 -8.06 10.35
CA GLU A 94 -14.57 -7.42 11.02
C GLU A 94 -15.17 -6.63 12.22
N VAL A 95 -14.66 -6.97 13.40
CA VAL A 95 -15.14 -6.42 14.66
C VAL A 95 -14.05 -5.68 15.36
N GLU A 96 -14.35 -4.50 15.89
CA GLU A 96 -13.46 -3.78 16.80
C GLU A 96 -14.25 -3.35 17.99
N VAL A 97 -13.74 -3.71 19.14
CA VAL A 97 -14.34 -3.37 20.37
C VAL A 97 -13.40 -2.53 21.13
N VAL A 98 -13.89 -1.39 21.65
CA VAL A 98 -13.03 -0.44 22.34
C VAL A 98 -13.55 -0.34 23.80
N ALA A 99 -12.62 -0.31 24.74
CA ALA A 99 -12.93 0.11 26.10
C ALA A 99 -12.00 1.23 26.47
N GLU A 100 -12.51 2.19 27.23
CA GLU A 100 -11.80 3.42 27.55
C GLU A 100 -11.96 3.73 28.98
N SER A 101 -11.04 4.47 29.52
CA SER A 101 -11.26 5.08 30.82
C SER A 101 -10.36 6.30 30.96
N GLY A 102 -10.97 7.45 31.31
CA GLY A 102 -10.30 8.69 31.61
C GLY A 102 -10.01 9.43 30.33
N GLY A 103 -8.87 10.07 30.28
CA GLY A 103 -8.53 10.92 29.16
C GLY A 103 -7.74 12.08 29.64
N VAL A 104 -7.53 13.03 28.76
CA VAL A 104 -6.75 14.21 29.02
C VAL A 104 -7.87 15.18 29.31
N PRO A 105 -7.86 15.89 30.48
CA PRO A 105 -8.90 16.97 30.54
C PRO A 105 -8.60 18.00 29.44
N PRO A 106 -9.61 18.78 28.98
CA PRO A 106 -9.42 19.83 27.96
C PRO A 106 -8.26 20.76 28.25
N VAL A 107 -7.28 20.78 27.32
CA VAL A 107 -6.22 21.81 27.25
C VAL A 107 -6.80 23.26 27.33
N TYR A 108 -7.07 23.66 28.58
CA TYR A 108 -8.01 24.74 28.89
C TYR A 108 -8.04 25.95 27.95
N LYS B 6 -10.76 -35.97 -5.53
CA LYS B 6 -9.44 -35.38 -5.87
C LYS B 6 -9.06 -34.45 -4.78
N SER B 7 -7.76 -34.28 -4.61
CA SER B 7 -7.21 -33.39 -3.64
C SER B 7 -6.99 -32.06 -4.40
N PRO B 8 -6.84 -30.99 -3.66
CA PRO B 8 -6.33 -29.75 -4.29
C PRO B 8 -4.93 -29.96 -4.87
N SER B 9 -4.60 -29.11 -5.81
CA SER B 9 -3.25 -29.08 -6.40
C SER B 9 -2.20 -28.43 -5.51
N LEU B 10 -2.65 -27.54 -4.61
CA LEU B 10 -1.74 -26.74 -3.81
C LEU B 10 -2.47 -26.07 -2.69
N VAL B 11 -1.77 -26.01 -1.55
CA VAL B 11 -2.22 -25.31 -0.37
C VAL B 11 -1.10 -24.41 0.16
N ARG B 12 -1.51 -23.17 0.55
CA ARG B 12 -0.70 -22.25 1.30
C ARG B 12 -1.35 -21.92 2.62
N LEU B 13 -0.56 -22.02 3.69
CA LEU B 13 -0.94 -21.59 5.02
C LEU B 13 0.01 -20.51 5.51
N LYS B 14 -0.53 -19.49 6.18
CA LYS B 14 0.31 -18.53 6.77
C LYS B 14 -0.25 -18.11 8.13
N THR B 15 0.61 -18.01 9.12
CA THR B 15 0.24 -17.55 10.44
C THR B 15 1.42 -16.96 11.21
N ARG B 16 1.21 -16.36 12.40
CA ARG B 16 2.23 -15.83 13.25
C ARG B 16 2.47 -16.87 14.37
N GLY B 17 3.66 -16.88 14.88
CA GLY B 17 3.98 -17.62 16.06
C GLY B 17 5.17 -16.99 16.79
N GLU B 18 5.75 -17.75 17.69
CA GLU B 18 6.88 -17.30 18.42
C GLU B 18 7.70 -18.44 18.98
N SER B 19 8.96 -18.14 19.26
CA SER B 19 9.91 -19.09 19.78
C SER B 19 10.71 -18.34 20.84
N VAL B 20 11.78 -18.95 21.32
CA VAL B 20 12.69 -18.33 22.22
C VAL B 20 14.06 -18.33 21.54
N CYS B 21 14.59 -17.13 21.40
CA CYS B 21 15.91 -16.94 20.82
C CYS B 21 16.99 -17.49 21.75
N PRO B 22 17.76 -18.48 21.29
CA PRO B 22 18.83 -18.98 22.16
C PRO B 22 19.95 -17.97 22.46
N ILE B 23 20.23 -17.02 21.57
CA ILE B 23 21.27 -15.96 21.81
C ILE B 23 20.79 -15.01 22.98
N SER B 24 19.72 -14.26 22.72
CA SER B 24 19.20 -13.25 23.61
C SER B 24 18.42 -13.79 24.79
N LYS B 25 17.93 -15.04 24.70
CA LYS B 25 17.10 -15.73 25.72
C LYS B 25 15.64 -15.25 25.77
N THR B 26 15.28 -14.43 24.81
CA THR B 26 14.07 -13.61 24.84
C THR B 26 13.11 -14.23 23.82
N VAL B 27 11.80 -14.11 24.04
CA VAL B 27 10.77 -14.34 23.02
C VAL B 27 11.01 -13.57 21.67
N ASP B 28 10.84 -14.34 20.59
CA ASP B 28 11.24 -13.95 19.21
C ASP B 28 9.92 -14.27 18.40
N SER B 29 9.19 -13.28 17.87
CA SER B 29 8.01 -13.60 17.09
C SER B 29 8.36 -13.79 15.60
N PHE B 30 7.49 -14.45 14.87
CA PHE B 30 7.74 -14.75 13.44
C PHE B 30 6.45 -14.93 12.69
N GLU B 31 6.54 -14.84 11.38
CA GLU B 31 5.52 -15.18 10.51
C GLU B 31 5.98 -16.39 9.77
N VAL B 32 5.12 -17.37 9.64
CA VAL B 32 5.46 -18.60 8.90
C VAL B 32 4.43 -18.92 7.81
N SER B 33 4.97 -19.28 6.62
CA SER B 33 4.19 -19.70 5.49
C SER B 33 4.60 -21.13 5.12
N VAL B 34 3.61 -21.98 4.86
CA VAL B 34 3.88 -23.29 4.30
C VAL B 34 3.13 -23.45 3.01
N GLU B 35 3.78 -24.01 1.97
CA GLU B 35 3.13 -24.29 0.73
C GLU B 35 3.42 -25.75 0.44
N TYR B 36 2.38 -26.54 0.13
CA TYR B 36 2.60 -27.94 -0.24
C TYR B 36 1.67 -28.42 -1.28
N ILE B 37 2.10 -29.45 -1.98
CA ILE B 37 1.22 -30.17 -2.90
C ILE B 37 0.64 -31.39 -2.21
N PRO B 38 -0.66 -31.44 -1.97
CA PRO B 38 -1.21 -32.56 -1.23
C PRO B 38 -1.10 -33.84 -2.02
N ARG B 39 -0.92 -34.94 -1.35
CA ARG B 39 -1.03 -36.24 -2.05
C ARG B 39 -1.87 -37.07 -1.14
N GLY B 40 -3.16 -37.18 -1.46
CA GLY B 40 -4.11 -37.81 -0.56
C GLY B 40 -4.55 -36.88 0.57
N ALA B 41 -3.65 -36.55 1.49
CA ALA B 41 -4.04 -35.90 2.72
C ALA B 41 -3.76 -34.39 2.66
N VAL B 42 -4.75 -33.63 3.18
CA VAL B 42 -4.64 -32.21 3.40
C VAL B 42 -4.42 -32.11 4.88
N LEU B 43 -3.47 -31.28 5.33
CA LEU B 43 -3.19 -31.01 6.74
C LEU B 43 -4.31 -30.21 7.36
N ALA B 44 -4.95 -30.75 8.41
CA ALA B 44 -6.00 -29.97 9.11
C ALA B 44 -5.38 -28.64 9.58
N ILE B 45 -6.13 -27.59 9.46
CA ILE B 45 -5.62 -26.30 9.94
C ILE B 45 -5.31 -26.37 11.44
N GLU B 46 -6.11 -27.11 12.18
CA GLU B 46 -5.92 -27.19 13.69
C GLU B 46 -4.55 -27.80 14.04
N GLU B 47 -4.20 -28.72 13.17
CA GLU B 47 -3.03 -29.47 13.30
C GLU B 47 -1.83 -28.62 12.91
N PHE B 48 -2.01 -27.84 11.86
CA PHE B 48 -0.97 -26.88 11.50
C PHE B 48 -0.72 -25.87 12.65
N LYS B 49 -1.80 -25.34 13.17
CA LYS B 49 -1.75 -24.37 14.27
C LYS B 49 -1.02 -24.97 15.46
N LYS B 50 -1.36 -26.22 15.75
CA LYS B 50 -0.65 -26.95 16.83
C LYS B 50 0.89 -27.06 16.55
N MET B 51 1.29 -27.42 15.33
CA MET B 51 2.71 -27.44 14.99
C MET B 51 3.38 -26.05 15.23
N VAL B 52 2.76 -24.98 14.75
CA VAL B 52 3.39 -23.65 14.90
C VAL B 52 3.40 -23.26 16.35
N ASP B 53 2.33 -23.53 17.08
CA ASP B 53 2.30 -23.22 18.56
C ASP B 53 3.30 -24.06 19.39
N SER B 54 3.74 -25.19 18.84
CA SER B 54 4.71 -26.05 19.56
C SER B 54 6.06 -25.38 19.80
N TYR B 55 6.37 -24.34 19.01
CA TYR B 55 7.56 -23.54 19.14
C TYR B 55 7.49 -22.54 20.26
N ARG B 56 6.33 -22.22 20.78
CA ARG B 56 6.33 -21.32 21.95
C ARG B 56 7.15 -21.89 23.11
N GLY B 57 7.96 -21.07 23.77
CA GLY B 57 8.85 -21.48 24.82
C GLY B 57 9.92 -22.50 24.48
N ARG B 58 10.16 -22.74 23.18
CA ARG B 58 11.21 -23.62 22.75
C ARG B 58 12.39 -22.78 22.26
N GLU B 59 13.55 -23.04 22.86
CA GLU B 59 14.84 -22.48 22.36
C GLU B 59 15.22 -23.08 21.02
N ILE B 60 15.04 -22.29 19.95
CA ILE B 60 15.42 -22.75 18.66
C ILE B 60 15.72 -21.58 17.74
N LEU B 61 16.77 -21.68 16.90
CA LEU B 61 17.00 -20.71 15.85
C LEU B 61 15.96 -20.75 14.76
N HIS B 62 15.62 -19.57 14.23
CA HIS B 62 14.63 -19.57 13.13
C HIS B 62 15.03 -20.40 11.91
N GLU B 63 16.35 -20.53 11.66
CA GLU B 63 16.87 -21.45 10.61
C GLU B 63 16.46 -22.92 10.82
N GLU B 64 16.62 -23.35 12.05
CA GLU B 64 16.33 -24.72 12.46
C GLU B 64 14.82 -24.91 12.50
N LEU B 65 14.15 -23.88 12.94
CA LEU B 65 12.69 -23.92 13.03
C LEU B 65 12.04 -24.22 11.70
N ALA B 66 12.47 -23.51 10.67
CA ALA B 66 11.93 -23.77 9.36
C ALA B 66 12.12 -25.22 8.93
N VAL B 67 13.32 -25.74 9.14
CA VAL B 67 13.64 -27.12 8.73
C VAL B 67 12.77 -28.12 9.56
N ASP B 68 12.71 -27.88 10.85
CA ASP B 68 11.90 -28.70 11.81
C ASP B 68 10.42 -28.72 11.41
N LEU B 69 9.84 -27.57 11.06
CA LEU B 69 8.45 -27.56 10.65
C LEU B 69 8.24 -28.26 9.30
N LEU B 70 9.20 -28.08 8.40
CA LEU B 70 9.21 -28.85 7.16
C LEU B 70 9.14 -30.34 7.48
N GLU B 71 9.98 -30.82 8.38
CA GLU B 71 9.97 -32.25 8.65
CA GLU B 71 10.00 -32.24 8.75
C GLU B 71 8.65 -32.65 9.34
N LYS B 72 8.03 -31.79 10.19
CA LYS B 72 6.70 -32.12 10.75
C LYS B 72 5.59 -32.30 9.72
N VAL B 73 5.54 -31.38 8.74
CA VAL B 73 4.55 -31.47 7.70
C VAL B 73 4.74 -32.72 6.85
N LYS B 74 5.99 -33.06 6.58
CA LYS B 74 6.31 -34.27 5.79
C LYS B 74 5.85 -35.48 6.56
N ALA B 75 6.28 -35.53 7.82
CA ALA B 75 5.85 -36.63 8.68
C ALA B 75 4.30 -36.74 8.73
N ALA B 76 3.55 -35.64 8.75
CA ALA B 76 2.09 -35.68 8.94
C ALA B 76 1.33 -36.06 7.71
N VAL B 77 1.62 -35.44 6.56
CA VAL B 77 0.85 -35.68 5.35
C VAL B 77 1.67 -36.03 4.08
N ASN B 78 2.97 -36.15 4.22
CA ASN B 78 3.86 -36.67 3.20
C ASN B 78 3.71 -36.11 1.77
N PRO B 79 3.73 -34.78 1.62
CA PRO B 79 3.54 -34.21 0.31
C PRO B 79 4.79 -34.39 -0.52
N PRO B 80 4.63 -34.56 -1.85
CA PRO B 80 5.82 -34.59 -2.74
C PRO B 80 6.50 -33.25 -2.87
N TYR B 81 5.85 -32.14 -2.52
CA TYR B 81 6.52 -30.85 -2.50
C TYR B 81 6.08 -30.09 -1.27
N VAL B 82 7.04 -29.55 -0.51
CA VAL B 82 6.75 -28.67 0.62
C VAL B 82 7.75 -27.58 0.69
N LYS B 83 7.28 -26.37 0.97
CA LYS B 83 8.15 -25.25 1.22
C LYS B 83 7.72 -24.52 2.46
N VAL B 84 8.68 -24.26 3.35
CA VAL B 84 8.43 -23.48 4.58
C VAL B 84 9.26 -22.21 4.59
N THR B 85 8.66 -21.06 4.94
CA THR B 85 9.34 -19.79 4.96
C THR B 85 9.06 -19.18 6.33
N VAL B 86 10.09 -18.88 7.09
CA VAL B 86 9.94 -18.15 8.35
C VAL B 86 10.51 -16.75 8.16
N LYS B 87 9.73 -15.71 8.52
CA LYS B 87 10.13 -14.31 8.42
C LYS B 87 10.10 -13.72 9.80
N SER B 88 11.19 -13.06 10.18
CA SER B 88 11.26 -12.36 11.49
C SER B 88 12.14 -11.12 11.37
N TYR B 89 12.28 -10.41 12.47
CA TYR B 89 12.96 -9.13 12.51
C TYR B 89 13.85 -9.23 13.77
N TYR B 90 15.11 -8.98 13.63
CA TYR B 90 16.06 -9.26 14.73
C TYR B 90 17.20 -8.28 14.62
N ILE B 91 17.47 -7.52 15.69
CA ILE B 91 18.53 -6.51 15.75
C ILE B 91 18.53 -5.63 14.51
N GLY B 92 17.33 -5.23 14.10
CA GLY B 92 17.14 -4.33 12.96
C GLY B 92 17.28 -4.93 11.59
N VAL B 93 17.37 -6.25 11.53
CA VAL B 93 17.50 -7.04 10.29
C VAL B 93 16.22 -7.85 10.02
N GLU B 94 15.67 -7.71 8.82
CA GLU B 94 14.60 -8.51 8.38
C GLU B 94 15.24 -9.81 7.84
N VAL B 95 14.69 -10.94 8.28
CA VAL B 95 15.23 -12.23 8.01
C VAL B 95 14.17 -13.12 7.42
N GLU B 96 14.52 -13.86 6.38
CA GLU B 96 13.63 -14.85 5.83
C GLU B 96 14.46 -16.08 5.66
N VAL B 97 13.95 -17.17 6.15
CA VAL B 97 14.59 -18.47 5.99
C VAL B 97 13.60 -19.39 5.26
N VAL B 98 14.05 -20.05 4.22
CA VAL B 98 13.31 -20.99 3.46
C VAL B 98 13.89 -22.41 3.57
N ALA B 99 13.01 -23.41 3.80
CA ALA B 99 13.31 -24.81 3.71
C ALA B 99 12.40 -25.49 2.70
N GLU B 100 12.94 -26.36 1.84
CA GLU B 100 12.17 -26.81 0.71
C GLU B 100 12.44 -28.28 0.51
N SER B 101 11.45 -29.06 0.15
CA SER B 101 11.66 -30.45 -0.13
C SER B 101 10.88 -30.83 -1.37
N GLY B 102 11.54 -31.50 -2.28
CA GLY B 102 10.97 -31.96 -3.54
C GLY B 102 10.90 -30.95 -4.70
N GLY B 103 11.74 -29.90 -4.71
CA GLY B 103 12.02 -29.14 -5.98
C GLY B 103 13.21 -29.74 -6.75
N VAL B 104 13.84 -29.00 -7.67
CA VAL B 104 15.14 -29.47 -8.30
C VAL B 104 16.25 -29.61 -7.20
N PRO B 105 17.09 -30.70 -7.21
CA PRO B 105 17.85 -31.03 -5.95
C PRO B 105 18.82 -29.95 -5.35
N LYS C 6 19.46 -30.35 8.42
CA LYS C 6 20.13 -29.80 7.22
C LYS C 6 19.98 -28.28 7.26
N SER C 7 20.56 -27.67 6.28
CA SER C 7 20.51 -26.24 6.27
C SER C 7 19.20 -25.83 5.56
N PRO C 8 18.78 -24.61 5.81
CA PRO C 8 17.84 -24.02 4.85
C PRO C 8 18.31 -24.03 3.36
N SER C 9 17.33 -23.94 2.48
CA SER C 9 17.48 -23.91 1.05
C SER C 9 17.85 -22.49 0.65
N LEU C 10 17.39 -21.51 1.38
CA LEU C 10 17.61 -20.07 1.01
C LEU C 10 17.46 -19.20 2.24
N VAL C 11 18.34 -18.20 2.40
CA VAL C 11 18.16 -17.13 3.33
C VAL C 11 18.11 -15.75 2.65
N ARG C 12 17.29 -14.85 3.16
CA ARG C 12 17.34 -13.45 2.73
C ARG C 12 17.44 -12.56 3.93
N LEU C 13 18.25 -11.52 3.84
CA LEU C 13 18.47 -10.59 4.91
C LEU C 13 18.37 -9.21 4.28
N LYS C 14 17.90 -8.27 5.09
CA LYS C 14 17.69 -6.90 4.65
CA LYS C 14 17.65 -6.91 4.64
C LYS C 14 17.82 -5.97 5.87
N THR C 15 18.57 -4.89 5.70
CA THR C 15 18.73 -3.94 6.78
C THR C 15 19.26 -2.60 6.20
N ARG C 16 19.36 -1.60 7.01
CA ARG C 16 19.82 -0.32 6.57
C ARG C 16 21.22 -0.13 7.14
N GLY C 17 22.02 0.59 6.39
CA GLY C 17 23.36 0.98 6.78
C GLY C 17 23.68 2.39 6.35
N GLU C 18 24.95 2.78 6.54
CA GLU C 18 25.47 4.04 6.03
C GLU C 18 26.97 3.94 5.82
N SER C 19 27.47 4.81 4.94
CA SER C 19 28.86 4.88 4.56
C SER C 19 29.14 6.41 4.40
N VAL C 20 30.24 6.75 3.77
CA VAL C 20 30.58 8.17 3.50
C VAL C 20 30.80 8.23 2.01
N CYS C 21 30.05 9.11 1.38
CA CYS C 21 30.17 9.35 -0.02
C CYS C 21 31.58 9.95 -0.31
N PRO C 22 32.38 9.28 -1.17
CA PRO C 22 33.74 9.78 -1.48
C PRO C 22 33.78 11.13 -2.26
N ILE C 23 32.68 11.55 -2.86
CA ILE C 23 32.59 12.78 -3.69
C ILE C 23 32.19 13.92 -2.74
N SER C 24 31.04 13.83 -2.09
CA SER C 24 30.59 14.85 -1.16
C SER C 24 31.20 14.79 0.22
N LYS C 25 31.88 13.69 0.57
CA LYS C 25 32.28 13.46 1.96
C LYS C 25 31.15 13.54 3.04
N THR C 26 29.90 13.24 2.74
CA THR C 26 28.81 13.32 3.74
C THR C 26 28.25 11.92 3.90
N VAL C 27 27.63 11.71 5.06
CA VAL C 27 27.04 10.41 5.34
C VAL C 27 26.00 10.05 4.27
N ASP C 28 26.05 8.80 3.81
CA ASP C 28 25.36 8.27 2.63
C ASP C 28 24.61 6.98 3.09
N SER C 29 23.32 7.12 3.33
CA SER C 29 22.40 6.08 3.82
C SER C 29 22.10 5.03 2.75
N PHE C 30 21.90 3.76 3.09
CA PHE C 30 21.46 2.76 2.13
C PHE C 30 20.66 1.63 2.71
N GLU C 31 20.00 0.90 1.83
CA GLU C 31 19.30 -0.31 2.15
C GLU C 31 20.08 -1.45 1.45
N VAL C 32 20.31 -2.54 2.20
CA VAL C 32 20.99 -3.69 1.65
C VAL C 32 20.21 -4.94 1.87
N SER C 33 20.12 -5.76 0.82
CA SER C 33 19.54 -7.10 0.87
C SER C 33 20.59 -8.08 0.48
N VAL C 34 20.57 -9.21 1.16
CA VAL C 34 21.43 -10.32 0.84
C VAL C 34 20.55 -11.53 0.68
N GLU C 35 20.74 -12.26 -0.40
CA GLU C 35 20.07 -13.56 -0.61
C GLU C 35 21.15 -14.61 -0.83
N TYR C 36 21.08 -15.75 -0.15
CA TYR C 36 22.09 -16.75 -0.45
C TYR C 36 21.55 -18.13 -0.17
N ILE C 37 22.18 -19.14 -0.79
CA ILE C 37 21.86 -20.56 -0.61
C ILE C 37 22.88 -21.09 0.37
N PRO C 38 22.46 -21.52 1.60
CA PRO C 38 23.46 -22.03 2.52
C PRO C 38 24.08 -23.33 2.04
N ARG C 39 25.36 -23.54 2.36
CA ARG C 39 25.93 -24.87 2.19
C ARG C 39 26.48 -25.18 3.52
N GLY C 40 25.70 -25.80 4.37
CA GLY C 40 26.23 -26.31 5.62
C GLY C 40 26.36 -25.33 6.77
N ALA C 41 26.13 -24.06 6.55
CA ALA C 41 26.28 -23.02 7.58
C ALA C 41 25.48 -21.80 7.23
N VAL C 42 24.86 -21.24 8.26
CA VAL C 42 24.11 -20.00 8.14
C VAL C 42 24.89 -18.85 8.80
N LEU C 43 24.93 -17.71 8.10
CA LEU C 43 25.55 -16.53 8.61
C LEU C 43 24.74 -16.07 9.80
N ALA C 44 25.39 -15.95 10.92
CA ALA C 44 24.75 -15.32 12.10
C ALA C 44 24.37 -13.88 11.83
N ILE C 45 23.21 -13.50 12.31
CA ILE C 45 22.65 -12.17 12.07
C ILE C 45 23.55 -11.11 12.69
N GLU C 46 24.02 -11.36 13.92
CA GLU C 46 25.08 -10.54 14.54
C GLU C 46 26.30 -10.26 13.61
N GLU C 47 26.75 -11.31 12.93
CA GLU C 47 27.88 -11.18 12.03
CA GLU C 47 27.88 -11.24 12.01
C GLU C 47 27.52 -10.36 10.79
N PHE C 48 26.36 -10.58 10.22
CA PHE C 48 25.84 -9.76 9.16
C PHE C 48 25.76 -8.26 9.56
N LYS C 49 25.20 -7.99 10.71
CA LYS C 49 25.08 -6.63 11.14
C LYS C 49 26.45 -5.98 11.38
N LYS C 50 27.40 -6.72 11.93
CA LYS C 50 28.79 -6.25 12.00
C LYS C 50 29.36 -5.88 10.62
N MET C 51 29.18 -6.77 9.62
CA MET C 51 29.61 -6.48 8.28
C MET C 51 28.98 -5.18 7.76
N VAL C 52 27.65 -5.05 7.88
CA VAL C 52 27.03 -3.87 7.34
C VAL C 52 27.48 -2.57 8.09
N ASP C 53 27.63 -2.67 9.42
CA ASP C 53 28.11 -1.54 10.19
C ASP C 53 29.56 -1.19 10.00
N SER C 54 30.34 -2.13 9.48
CA SER C 54 31.76 -1.81 9.17
C SER C 54 31.89 -0.63 8.20
N TYR C 55 30.87 -0.37 7.39
CA TYR C 55 30.99 0.70 6.40
C TYR C 55 30.72 2.11 6.99
N ARG C 56 30.23 2.17 8.22
CA ARG C 56 30.01 3.46 8.87
C ARG C 56 31.32 4.19 8.93
N GLY C 57 31.38 5.43 8.47
CA GLY C 57 32.62 6.19 8.55
C GLY C 57 33.59 5.89 7.42
N ARG C 58 33.31 4.94 6.55
CA ARG C 58 34.20 4.59 5.51
C ARG C 58 33.77 5.27 4.21
N GLU C 59 34.74 5.90 3.56
CA GLU C 59 34.52 6.46 2.27
C GLU C 59 34.56 5.35 1.22
N ILE C 60 33.40 5.00 0.67
CA ILE C 60 33.30 3.96 -0.29
C ILE C 60 32.09 4.16 -1.22
N LEU C 61 32.26 3.95 -2.52
CA LEU C 61 31.08 4.06 -3.46
C LEU C 61 30.15 2.91 -3.22
N HIS C 62 28.82 3.13 -3.32
CA HIS C 62 27.90 1.98 -3.11
C HIS C 62 28.11 0.86 -4.08
N GLU C 63 28.61 1.13 -5.27
CA GLU C 63 28.93 0.04 -6.17
C GLU C 63 30.03 -0.86 -5.67
N GLU C 64 31.04 -0.23 -5.06
CA GLU C 64 32.18 -0.96 -4.46
C GLU C 64 31.66 -1.71 -3.19
N LEU C 65 30.82 -1.04 -2.41
CA LEU C 65 30.24 -1.64 -1.18
C LEU C 65 29.52 -2.96 -1.47
N ALA C 66 28.65 -2.97 -2.47
CA ALA C 66 27.92 -4.19 -2.81
C ALA C 66 28.85 -5.37 -3.05
N VAL C 67 29.92 -5.09 -3.80
CA VAL C 67 30.90 -6.14 -4.13
C VAL C 67 31.69 -6.51 -2.88
N ASP C 68 32.08 -5.49 -2.13
CA ASP C 68 32.79 -5.80 -0.89
C ASP C 68 31.98 -6.70 0.11
N LEU C 69 30.69 -6.36 0.26
CA LEU C 69 29.83 -7.15 1.15
C LEU C 69 29.61 -8.62 0.58
N LEU C 70 29.44 -8.77 -0.75
CA LEU C 70 29.42 -10.04 -1.36
C LEU C 70 30.69 -10.85 -0.96
N GLU C 71 31.90 -10.25 -1.09
CA GLU C 71 33.11 -10.94 -0.69
C GLU C 71 33.08 -11.31 0.79
N LYS C 72 32.63 -10.42 1.67
CA LYS C 72 32.64 -10.76 3.08
C LYS C 72 31.74 -11.99 3.41
N VAL C 73 30.60 -12.05 2.72
CA VAL C 73 29.65 -13.09 2.89
C VAL C 73 30.25 -14.40 2.41
N LYS C 74 30.96 -14.32 1.26
CA LYS C 74 31.59 -15.50 0.64
C LYS C 74 32.67 -16.04 1.58
N ALA C 75 33.42 -15.13 2.20
CA ALA C 75 34.51 -15.53 3.13
C ALA C 75 33.94 -16.14 4.41
N ALA C 76 32.89 -15.54 4.97
CA ALA C 76 32.30 -16.04 6.20
C ALA C 76 31.69 -17.43 6.07
N VAL C 77 30.88 -17.70 5.07
CA VAL C 77 30.09 -18.97 5.01
C VAL C 77 30.05 -19.64 3.61
N ASN C 78 30.83 -19.18 2.66
CA ASN C 78 31.00 -19.86 1.37
C ASN C 78 29.77 -20.48 0.71
N PRO C 79 28.72 -19.70 0.51
CA PRO C 79 27.50 -20.22 -0.15
C PRO C 79 27.66 -20.46 -1.64
N PRO C 80 26.95 -21.44 -2.22
CA PRO C 80 27.15 -21.61 -3.68
C PRO C 80 26.48 -20.54 -4.54
N TYR C 81 25.59 -19.75 -3.95
CA TYR C 81 24.93 -18.64 -4.63
C TYR C 81 24.77 -17.54 -3.59
N VAL C 82 25.14 -16.32 -3.95
CA VAL C 82 24.90 -15.14 -3.12
C VAL C 82 24.58 -13.98 -4.08
N LYS C 83 23.63 -13.14 -3.69
CA LYS C 83 23.32 -11.93 -4.32
C LYS C 83 23.17 -10.82 -3.25
N VAL C 84 23.80 -9.70 -3.47
CA VAL C 84 23.80 -8.53 -2.61
C VAL C 84 23.27 -7.37 -3.45
N THR C 85 22.23 -6.70 -2.94
CA THR C 85 21.68 -5.54 -3.55
C THR C 85 21.74 -4.36 -2.59
N VAL C 86 22.36 -3.26 -3.06
CA VAL C 86 22.44 -1.99 -2.34
C VAL C 86 21.63 -0.94 -3.09
N LYS C 87 20.72 -0.28 -2.39
CA LYS C 87 19.77 0.74 -2.93
C LYS C 87 20.00 2.02 -2.14
N SER C 88 20.17 3.13 -2.87
CA SER C 88 20.37 4.41 -2.24
C SER C 88 19.89 5.49 -3.20
N TYR C 89 20.01 6.76 -2.79
CA TYR C 89 19.39 7.90 -3.48
C TYR C 89 20.44 8.94 -3.54
N TYR C 90 20.69 9.41 -4.76
CA TYR C 90 21.81 10.31 -4.97
C TYR C 90 21.45 11.24 -6.14
N ILE C 91 21.48 12.52 -5.86
CA ILE C 91 21.19 13.59 -6.82
C ILE C 91 19.87 13.38 -7.56
N GLY C 92 18.84 12.90 -6.86
CA GLY C 92 17.50 12.71 -7.48
C GLY C 92 17.34 11.43 -8.32
N VAL C 93 18.31 10.50 -8.22
CA VAL C 93 18.36 9.27 -8.90
C VAL C 93 18.27 8.12 -7.84
N GLU C 94 17.36 7.19 -8.05
CA GLU C 94 17.38 5.92 -7.23
C GLU C 94 18.33 4.94 -7.85
N VAL C 95 19.25 4.42 -7.04
CA VAL C 95 20.28 3.53 -7.53
C VAL C 95 20.17 2.20 -6.83
N GLU C 96 20.23 1.12 -7.61
CA GLU C 96 20.35 -0.21 -7.09
C GLU C 96 21.53 -0.82 -7.73
N VAL C 97 22.44 -1.34 -6.94
CA VAL C 97 23.61 -2.03 -7.45
C VAL C 97 23.57 -3.47 -6.98
N VAL C 98 23.71 -4.41 -7.89
CA VAL C 98 23.61 -5.83 -7.61
C VAL C 98 24.98 -6.50 -7.84
N ALA C 99 25.45 -7.28 -6.86
CA ALA C 99 26.66 -8.08 -7.01
C ALA C 99 26.23 -9.50 -6.72
N GLU C 100 26.58 -10.35 -7.66
CA GLU C 100 26.01 -11.72 -7.68
C GLU C 100 27.12 -12.71 -8.01
N SER C 101 27.11 -13.85 -7.35
CA SER C 101 28.13 -14.88 -7.55
C SER C 101 27.55 -16.32 -7.41
N GLY C 102 27.88 -17.23 -8.35
CA GLY C 102 27.33 -18.63 -8.44
C GLY C 102 26.16 -18.86 -9.44
N GLY C 103 25.77 -20.10 -9.71
CA GLY C 103 24.60 -20.42 -10.61
C GLY C 103 23.24 -19.90 -10.12
N VAL C 104 22.51 -19.14 -10.95
CA VAL C 104 21.35 -18.31 -10.44
C VAL C 104 20.07 -19.18 -10.17
N PRO C 105 19.27 -18.98 -9.05
CA PRO C 105 17.98 -19.81 -8.93
C PRO C 105 16.95 -19.69 -10.13
N PRO C 106 16.20 -20.78 -10.51
CA PRO C 106 15.50 -20.82 -11.84
C PRO C 106 14.52 -19.67 -12.19
N LYS D 6 12.97 34.21 8.09
CA LYS D 6 11.90 33.78 9.04
C LYS D 6 11.97 32.27 9.18
N SER D 7 11.60 31.79 10.36
CA SER D 7 11.63 30.34 10.64
C SER D 7 10.49 29.57 9.88
N PRO D 8 10.68 28.27 9.63
CA PRO D 8 9.59 27.42 9.32
C PRO D 8 8.55 27.44 10.46
N SER D 9 7.27 27.17 10.16
N SER D 9 7.28 27.18 10.09
CA SER D 9 6.27 27.02 11.22
CA SER D 9 6.17 27.02 11.07
C SER D 9 6.35 25.65 11.90
C SER D 9 6.20 25.65 11.79
N LEU D 10 6.76 24.65 11.16
CA LEU D 10 6.87 23.28 11.74
C LEU D 10 7.93 22.53 11.00
N VAL D 11 8.68 21.71 11.75
CA VAL D 11 9.60 20.72 11.23
C VAL D 11 9.31 19.33 11.78
N ARG D 12 9.38 18.35 10.89
CA ARG D 12 9.37 16.93 11.25
C ARG D 12 10.63 16.24 10.79
N LEU D 13 11.16 15.44 11.69
CA LEU D 13 12.35 14.66 11.41
C LEU D 13 12.08 13.22 11.75
N LYS D 14 12.62 12.29 10.95
CA LYS D 14 12.42 10.93 11.19
C LYS D 14 13.67 10.19 10.75
N THR D 15 14.12 9.30 11.63
CA THR D 15 15.28 8.46 11.31
C THR D 15 15.28 7.16 12.12
N ARG D 16 16.24 6.31 11.84
CA ARG D 16 16.42 5.06 12.55
C ARG D 16 17.55 5.19 13.53
N GLY D 17 17.49 4.45 14.62
CA GLY D 17 18.56 4.43 15.56
C GLY D 17 18.61 3.12 16.29
N GLU D 18 19.53 3.04 17.25
CA GLU D 18 19.63 1.83 18.07
C GLU D 18 20.23 2.17 19.42
N SER D 19 19.90 1.31 20.34
CA SER D 19 20.36 1.38 21.71
C SER D 19 20.66 -0.06 22.13
N VAL D 20 20.93 -0.25 23.39
CA VAL D 20 21.07 -1.61 23.97
C VAL D 20 19.99 -1.87 25.01
N CYS D 21 19.31 -2.98 24.87
CA CYS D 21 18.22 -3.34 25.81
C CYS D 21 18.84 -3.72 27.18
N PRO D 22 18.44 -3.00 28.27
CA PRO D 22 19.10 -3.35 29.54
C PRO D 22 18.75 -4.77 30.02
N ILE D 23 17.65 -5.36 29.58
CA ILE D 23 17.37 -6.77 29.99
C ILE D 23 18.38 -7.77 29.33
N SER D 24 18.28 -7.97 28.03
CA SER D 24 19.19 -8.91 27.35
C SER D 24 20.59 -8.40 27.01
N LYS D 25 20.93 -7.13 27.22
CA LYS D 25 22.23 -6.62 26.78
C LYS D 25 22.45 -6.77 25.27
N THR D 26 21.35 -6.75 24.51
CA THR D 26 21.23 -7.01 23.06
C THR D 26 20.85 -5.69 22.28
N VAL D 27 21.24 -5.58 21.01
CA VAL D 27 20.94 -4.36 20.20
C VAL D 27 19.44 -4.24 19.96
N ASP D 28 18.91 -3.04 20.12
CA ASP D 28 17.46 -2.75 20.19
C ASP D 28 17.25 -1.55 19.23
N SER D 29 16.88 -1.88 18.01
CA SER D 29 16.67 -0.97 16.94
C SER D 29 15.33 -0.17 17.09
N PHE D 30 15.26 1.06 16.61
CA PHE D 30 14.04 1.82 16.73
C PHE D 30 13.93 2.80 15.59
N GLU D 31 12.74 3.31 15.39
CA GLU D 31 12.49 4.48 14.53
C GLU D 31 12.09 5.64 15.42
N VAL D 32 12.63 6.81 15.17
CA VAL D 32 12.32 7.99 15.98
C VAL D 32 11.87 9.13 15.07
N SER D 33 10.84 9.87 15.51
CA SER D 33 10.25 10.99 14.80
C SER D 33 10.22 12.10 15.84
N VAL D 34 10.62 13.30 15.43
CA VAL D 34 10.49 14.51 16.23
C VAL D 34 9.77 15.56 15.45
N GLU D 35 8.83 16.22 16.06
CA GLU D 35 8.26 17.33 15.43
C GLU D 35 8.28 18.43 16.42
N TYR D 36 8.52 19.61 15.90
CA TYR D 36 8.64 20.77 16.77
C TYR D 36 8.34 22.09 16.02
N ILE D 37 7.98 23.14 16.78
CA ILE D 37 7.65 24.44 16.17
C ILE D 37 8.86 25.31 16.47
N PRO D 38 9.60 25.78 15.45
CA PRO D 38 10.76 26.59 15.74
C PRO D 38 10.36 27.88 16.40
N ARG D 39 11.20 28.37 17.29
CA ARG D 39 11.02 29.76 17.75
C ARG D 39 12.36 30.35 17.70
N GLY D 40 12.71 30.89 16.55
CA GLY D 40 14.00 31.57 16.35
C GLY D 40 15.19 30.68 16.09
N ALA D 41 14.99 29.37 15.99
CA ALA D 41 16.14 28.46 16.02
C ALA D 41 15.71 27.15 15.44
N VAL D 42 16.41 26.69 14.40
CA VAL D 42 16.16 25.43 13.72
C VAL D 42 17.26 24.50 14.19
N LEU D 43 16.90 23.29 14.58
CA LEU D 43 17.86 22.28 14.96
C LEU D 43 18.54 21.76 13.73
N ALA D 44 19.84 21.93 13.60
CA ALA D 44 20.58 21.34 12.42
C ALA D 44 20.35 19.84 12.27
N ILE D 45 20.18 19.37 11.06
CA ILE D 45 19.95 17.91 10.85
C ILE D 45 21.14 17.10 11.38
N GLU D 46 22.34 17.57 11.05
N GLU D 46 22.38 17.53 11.12
CA GLU D 46 23.59 17.06 11.61
CA GLU D 46 23.56 16.84 11.72
C GLU D 46 23.52 16.84 13.15
C GLU D 46 23.53 16.78 13.24
N GLU D 47 23.05 17.85 13.86
CA GLU D 47 22.98 17.82 15.27
CA GLU D 47 22.93 17.87 15.30
C GLU D 47 21.88 16.84 15.74
N PHE D 48 20.74 16.81 15.07
CA PHE D 48 19.74 15.77 15.37
C PHE D 48 20.27 14.37 15.18
N LYS D 49 21.01 14.15 14.11
CA LYS D 49 21.52 12.83 13.86
C LYS D 49 22.57 12.46 14.92
N LYS D 50 23.38 13.41 15.36
CA LYS D 50 24.29 13.13 16.50
C LYS D 50 23.52 12.75 17.73
N MET D 51 22.46 13.51 18.04
CA MET D 51 21.62 13.21 19.22
C MET D 51 21.10 11.78 19.16
N VAL D 52 20.63 11.38 17.98
CA VAL D 52 20.13 10.02 17.80
C VAL D 52 21.25 8.93 17.90
N ASP D 53 22.38 9.19 17.26
CA ASP D 53 23.47 8.28 17.30
C ASP D 53 24.12 8.17 18.67
N SER D 54 23.88 9.12 19.59
CA SER D 54 24.47 9.04 20.91
C SER D 54 23.98 7.85 21.74
N TYR D 55 22.82 7.28 21.36
CA TYR D 55 22.27 6.14 22.04
C TYR D 55 22.89 4.82 21.60
N ARG D 56 23.68 4.80 20.50
CA ARG D 56 24.35 3.55 20.07
C ARG D 56 25.19 2.98 21.24
N GLY D 57 25.10 1.68 21.49
CA GLY D 57 25.84 1.09 22.63
C GLY D 57 25.42 1.61 24.02
N ARG D 58 24.41 2.46 24.16
CA ARG D 58 23.96 2.84 25.51
C ARG D 58 22.79 1.93 25.97
N GLU D 59 22.88 1.44 27.21
CA GLU D 59 21.80 0.64 27.78
C GLU D 59 20.86 1.62 28.31
N ILE D 60 19.65 1.65 27.74
CA ILE D 60 18.62 2.61 28.09
C ILE D 60 17.30 2.10 27.53
N LEU D 61 16.22 2.23 28.32
CA LEU D 61 14.90 1.76 27.82
C LEU D 61 14.40 2.81 26.89
N HIS D 62 13.65 2.38 25.88
CA HIS D 62 13.01 3.32 24.94
C HIS D 62 12.04 4.29 25.54
N GLU D 63 11.39 3.88 26.65
CA GLU D 63 10.56 4.76 27.45
C GLU D 63 11.42 5.98 27.96
N GLU D 64 12.69 5.70 28.32
CA GLU D 64 13.55 6.73 28.85
CA GLU D 64 13.60 6.70 28.86
C GLU D 64 14.23 7.54 27.73
N LEU D 65 14.53 6.86 26.63
CA LEU D 65 15.18 7.46 25.47
C LEU D 65 14.36 8.58 24.91
N ALA D 66 13.08 8.30 24.75
CA ALA D 66 12.15 9.28 24.22
C ALA D 66 12.19 10.58 25.05
N VAL D 67 12.10 10.45 26.36
CA VAL D 67 12.09 11.58 27.24
C VAL D 67 13.42 12.24 27.19
N ASP D 68 14.49 11.45 27.15
CA ASP D 68 15.86 11.99 27.07
C ASP D 68 16.07 12.83 25.83
N LEU D 69 15.64 12.33 24.69
CA LEU D 69 15.75 13.07 23.40
C LEU D 69 14.89 14.34 23.43
N LEU D 70 13.69 14.24 23.95
CA LEU D 70 12.88 15.46 24.15
C LEU D 70 13.66 16.52 24.90
N GLU D 71 14.25 16.16 26.01
CA GLU D 71 15.04 17.12 26.80
C GLU D 71 16.18 17.75 26.01
N LYS D 72 16.83 16.93 25.20
CA LYS D 72 17.93 17.32 24.35
C LYS D 72 17.50 18.35 23.29
N VAL D 73 16.35 18.15 22.72
CA VAL D 73 15.87 19.06 21.72
C VAL D 73 15.45 20.35 22.36
N LYS D 74 14.77 20.23 23.49
CA LYS D 74 14.39 21.42 24.24
C LYS D 74 15.61 22.20 24.68
N ALA D 75 16.68 21.48 25.08
CA ALA D 75 17.90 22.21 25.48
C ALA D 75 18.59 22.91 24.28
N ALA D 76 18.56 22.26 23.13
CA ALA D 76 19.25 22.81 21.94
C ALA D 76 18.52 24.03 21.31
N VAL D 77 17.20 23.94 21.16
CA VAL D 77 16.47 25.04 20.45
C VAL D 77 15.22 25.62 21.16
N ASN D 78 14.96 25.18 22.42
CA ASN D 78 13.83 25.64 23.20
C ASN D 78 12.55 25.99 22.37
N PRO D 79 11.98 24.99 21.67
CA PRO D 79 10.75 25.23 20.93
C PRO D 79 9.56 25.31 21.84
N PRO D 80 8.51 26.06 21.43
CA PRO D 80 7.26 26.09 22.27
C PRO D 80 6.48 24.78 22.30
N TYR D 81 6.72 23.93 21.27
CA TYR D 81 6.12 22.62 21.15
C TYR D 81 7.16 21.67 20.55
N VAL D 82 7.24 20.51 21.18
CA VAL D 82 8.04 19.41 20.69
C VAL D 82 7.33 18.13 21.01
N LYS D 83 7.38 17.18 20.06
CA LYS D 83 6.89 15.81 20.32
C LYS D 83 7.89 14.81 19.74
N VAL D 84 8.30 13.82 20.56
CA VAL D 84 9.25 12.79 20.22
C VAL D 84 8.49 11.47 20.28
N THR D 85 8.62 10.67 19.23
CA THR D 85 8.02 9.38 19.18
C THR D 85 9.06 8.33 18.83
N VAL D 86 9.16 7.28 19.67
CA VAL D 86 10.07 6.18 19.47
C VAL D 86 9.30 4.95 19.25
N LYS D 87 9.50 4.33 18.10
CA LYS D 87 8.78 3.12 17.80
C LYS D 87 9.75 1.97 17.70
N SER D 88 9.39 0.82 18.31
CA SER D 88 10.26 -0.38 18.32
C SER D 88 9.44 -1.65 18.49
N TYR D 89 10.07 -2.83 18.41
N TYR D 89 10.07 -2.83 18.41
CA TYR D 89 9.38 -4.14 18.43
CA TYR D 89 9.36 -4.13 18.41
C TYR D 89 10.08 -4.92 19.52
C TYR D 89 10.04 -5.05 19.40
N TYR D 90 9.34 -5.52 20.43
CA TYR D 90 9.97 -6.24 21.52
C TYR D 90 9.04 -7.34 21.92
N ILE D 91 9.53 -8.58 21.96
CA ILE D 91 8.76 -9.77 22.32
C ILE D 91 7.37 -9.84 21.65
N GLY D 92 7.38 -9.46 20.36
CA GLY D 92 6.22 -9.57 19.56
C GLY D 92 5.21 -8.42 19.71
N VAL D 93 5.59 -7.38 20.43
CA VAL D 93 4.74 -6.25 20.78
C VAL D 93 5.33 -5.04 20.04
N GLU D 94 4.48 -4.39 19.28
CA GLU D 94 4.79 -3.10 18.64
CA GLU D 94 4.83 -3.10 18.67
C GLU D 94 4.57 -2.02 19.68
N VAL D 95 5.63 -1.28 19.96
CA VAL D 95 5.64 -0.28 21.02
C VAL D 95 5.84 1.11 20.45
N GLU D 96 5.02 2.06 20.86
CA GLU D 96 5.35 3.47 20.63
C GLU D 96 5.34 4.22 21.89
N VAL D 97 6.42 4.96 22.12
CA VAL D 97 6.53 5.80 23.23
C VAL D 97 6.58 7.23 22.76
N VAL D 98 5.72 8.07 23.33
CA VAL D 98 5.69 9.47 22.99
C VAL D 98 6.03 10.32 24.19
N ALA D 99 6.85 11.34 23.95
CA ALA D 99 7.19 12.33 24.94
C ALA D 99 6.99 13.72 24.31
N GLU D 100 6.16 14.56 24.94
CA GLU D 100 5.62 15.79 24.31
C GLU D 100 5.72 16.91 25.30
N SER D 101 5.95 18.12 24.84
CA SER D 101 6.12 19.28 25.75
C SER D 101 5.59 20.49 25.06
N GLY D 102 4.75 21.24 25.79
CA GLY D 102 4.23 22.56 25.37
C GLY D 102 3.04 22.47 24.40
N GLY D 103 2.90 23.47 23.54
CA GLY D 103 1.67 23.63 22.83
C GLY D 103 1.63 25.05 22.36
N VAL D 104 0.58 25.36 21.60
CA VAL D 104 0.43 26.74 21.07
C VAL D 104 -1.02 27.11 21.26
N PRO D 105 -1.30 28.23 21.92
CA PRO D 105 -0.32 29.03 22.70
C PRO D 105 0.27 28.32 23.95
N PRO D 106 1.42 28.83 24.47
CA PRO D 106 1.75 28.64 25.90
C PRO D 106 0.67 29.27 26.78
N LYS E 6 -19.33 -3.05 33.02
CA LYS E 6 -18.92 -1.88 32.17
C LYS E 6 -18.92 -2.39 30.71
N SER E 7 -19.72 -1.72 29.88
CA SER E 7 -19.82 -2.04 28.47
CA SER E 7 -19.82 -2.09 28.48
C SER E 7 -18.61 -1.46 27.75
N PRO E 8 -18.35 -1.92 26.54
CA PRO E 8 -17.42 -1.17 25.69
C PRO E 8 -17.87 0.27 25.47
N SER E 9 -16.92 1.16 25.20
CA SER E 9 -17.24 2.55 24.85
C SER E 9 -17.51 2.73 23.36
N LEU E 10 -17.20 1.75 22.50
CA LEU E 10 -17.38 1.90 21.08
C LEU E 10 -17.25 0.54 20.51
N VAL E 11 -18.07 0.24 19.52
CA VAL E 11 -17.92 -0.96 18.69
C VAL E 11 -17.94 -0.58 17.23
N ARG E 12 -17.13 -1.24 16.41
CA ARG E 12 -17.14 -1.04 14.97
C ARG E 12 -17.34 -2.40 14.35
N LEU E 13 -18.24 -2.43 13.39
CA LEU E 13 -18.53 -3.63 12.62
C LEU E 13 -18.45 -3.33 11.17
N LYS E 14 -17.87 -4.26 10.41
CA LYS E 14 -17.75 -4.07 8.97
C LYS E 14 -17.91 -5.43 8.23
N THR E 15 -18.76 -5.47 7.21
CA THR E 15 -19.03 -6.72 6.48
C THR E 15 -19.48 -6.40 5.09
N ARG E 16 -19.57 -7.41 4.23
CA ARG E 16 -20.08 -7.27 2.87
C ARG E 16 -21.50 -7.73 2.84
N GLY E 17 -22.25 -7.13 1.98
CA GLY E 17 -23.61 -7.56 1.72
C GLY E 17 -23.99 -7.39 0.26
N GLU E 18 -25.24 -7.68 -0.03
CA GLU E 18 -25.82 -7.61 -1.38
C GLU E 18 -27.27 -7.19 -1.24
N SER E 19 -27.73 -6.49 -2.28
CA SER E 19 -29.10 -6.09 -2.44
C SER E 19 -29.43 -6.11 -3.95
N VAL E 20 -30.67 -5.85 -4.30
CA VAL E 20 -31.10 -5.78 -5.69
C VAL E 20 -31.35 -4.34 -6.02
N CYS E 21 -30.68 -3.90 -7.06
CA CYS E 21 -30.74 -2.50 -7.48
C CYS E 21 -32.07 -2.21 -8.19
N PRO E 22 -32.89 -1.30 -7.69
CA PRO E 22 -34.24 -1.16 -8.26
C PRO E 22 -34.34 -0.77 -9.71
N ILE E 23 -33.26 -0.14 -10.19
CA ILE E 23 -33.17 0.41 -11.55
C ILE E 23 -32.89 -0.78 -12.50
N SER E 24 -31.72 -1.37 -12.31
CA SER E 24 -31.20 -2.48 -13.13
C SER E 24 -31.88 -3.82 -12.83
N LYS E 25 -32.44 -3.90 -11.64
CA LYS E 25 -32.97 -5.09 -11.07
C LYS E 25 -31.95 -6.21 -10.98
N THR E 26 -30.64 -5.89 -10.92
CA THR E 26 -29.64 -6.91 -10.69
C THR E 26 -28.88 -6.63 -9.39
N VAL E 27 -28.15 -7.66 -8.94
CA VAL E 27 -27.51 -7.69 -7.65
C VAL E 27 -26.46 -6.62 -7.59
N ASP E 28 -26.49 -5.90 -6.48
CA ASP E 28 -25.62 -4.77 -6.19
C ASP E 28 -24.90 -5.16 -4.86
N SER E 29 -23.62 -5.52 -4.92
CA SER E 29 -22.83 -5.74 -3.72
C SER E 29 -22.40 -4.42 -3.01
N PHE E 30 -22.20 -4.51 -1.70
CA PHE E 30 -21.78 -3.41 -0.88
C PHE E 30 -20.90 -3.85 0.26
N GLU E 31 -20.19 -2.87 0.78
CA GLU E 31 -19.49 -3.02 2.01
C GLU E 31 -20.20 -2.12 2.98
N VAL E 32 -20.60 -2.66 4.16
CA VAL E 32 -21.21 -1.82 5.19
C VAL E 32 -20.38 -1.74 6.48
N SER E 33 -20.27 -0.52 7.03
CA SER E 33 -19.64 -0.25 8.33
C SER E 33 -20.66 0.41 9.29
N VAL E 34 -20.66 -0.10 10.51
CA VAL E 34 -21.37 0.49 11.64
C VAL E 34 -20.43 0.74 12.78
N GLU E 35 -20.64 1.89 13.41
CA GLU E 35 -19.98 2.30 14.59
C GLU E 35 -21.06 2.79 15.54
N TYR E 36 -20.97 2.36 16.79
CA TYR E 36 -21.92 2.80 17.81
C TYR E 36 -21.35 2.77 19.17
N ILE E 37 -21.93 3.61 20.06
CA ILE E 37 -21.57 3.69 21.46
C ILE E 37 -22.58 2.85 22.27
N PRO E 38 -22.11 1.75 22.91
CA PRO E 38 -23.16 0.95 23.53
C PRO E 38 -23.73 1.68 24.72
N ARG E 39 -25.01 1.48 24.91
CA ARG E 39 -25.66 1.88 26.14
C ARG E 39 -26.37 0.66 26.75
N GLY E 40 -25.60 -0.05 27.55
CA GLY E 40 -26.06 -1.20 28.26
C GLY E 40 -26.57 -2.31 27.39
N ALA E 41 -25.93 -2.54 26.25
CA ALA E 41 -26.36 -3.65 25.36
C ALA E 41 -25.41 -3.66 24.21
N VAL E 42 -24.83 -4.82 23.92
CA VAL E 42 -23.98 -4.92 22.73
C VAL E 42 -24.75 -5.72 21.73
N LEU E 43 -24.72 -5.32 20.46
CA LEU E 43 -25.46 -5.99 19.39
C LEU E 43 -24.72 -7.27 19.08
N ALA E 44 -25.37 -8.41 19.19
CA ALA E 44 -24.72 -9.68 18.86
C ALA E 44 -24.24 -9.68 17.41
N ILE E 45 -23.08 -10.26 17.14
CA ILE E 45 -22.59 -10.25 15.77
C ILE E 45 -23.55 -11.02 14.85
N GLU E 46 -24.05 -12.15 15.35
N GLU E 46 -24.10 -12.14 15.29
CA GLU E 46 -25.09 -12.95 14.72
CA GLU E 46 -25.01 -12.91 14.44
C GLU E 46 -26.26 -12.10 14.21
C GLU E 46 -26.32 -12.11 14.17
N GLU E 47 -26.78 -11.28 15.13
CA GLU E 47 -27.94 -10.39 14.84
C GLU E 47 -27.59 -9.32 13.81
N PHE E 48 -26.43 -8.72 13.92
CA PHE E 48 -25.98 -7.76 12.90
C PHE E 48 -25.89 -8.41 11.53
N LYS E 49 -25.26 -9.58 11.44
CA LYS E 49 -25.19 -10.26 10.13
C LYS E 49 -26.56 -10.50 9.59
N LYS E 50 -27.46 -10.96 10.46
CA LYS E 50 -28.85 -11.10 10.06
C LYS E 50 -29.43 -9.82 9.44
N MET E 51 -29.25 -8.70 10.11
CA MET E 51 -29.73 -7.45 9.57
C MET E 51 -29.11 -7.16 8.20
N VAL E 52 -27.80 -7.40 8.03
CA VAL E 52 -27.16 -7.12 6.73
C VAL E 52 -27.62 -8.11 5.65
N ASP E 53 -27.72 -9.37 6.01
CA ASP E 53 -28.19 -10.36 5.02
C ASP E 53 -29.65 -10.24 4.69
N SER E 54 -30.41 -9.50 5.50
CA SER E 54 -31.85 -9.28 5.21
C SER E 54 -32.05 -8.48 3.96
N TYR E 55 -31.09 -7.71 3.52
CA TYR E 55 -31.17 -7.01 2.24
C TYR E 55 -30.93 -7.86 0.96
N ARG E 56 -30.43 -9.07 1.08
CA ARG E 56 -30.22 -9.90 -0.10
C ARG E 56 -31.56 -10.19 -0.74
N GLY E 57 -31.66 -9.96 -2.05
CA GLY E 57 -32.88 -10.15 -2.78
C GLY E 57 -33.92 -9.06 -2.60
N ARG E 58 -33.63 -8.06 -1.80
CA ARG E 58 -34.51 -6.92 -1.57
C ARG E 58 -34.15 -5.79 -2.60
N GLU E 59 -35.15 -5.31 -3.35
CA GLU E 59 -34.94 -4.14 -4.19
C GLU E 59 -34.88 -2.94 -3.32
N ILE E 60 -33.71 -2.42 -3.04
CA ILE E 60 -33.63 -1.21 -2.22
C ILE E 60 -32.42 -0.42 -2.60
N LEU E 61 -32.56 0.88 -2.70
CA LEU E 61 -31.38 1.72 -3.01
C LEU E 61 -30.47 1.81 -1.77
N HIS E 62 -29.18 1.97 -2.03
CA HIS E 62 -28.23 2.01 -0.97
C HIS E 62 -28.37 3.17 -0.02
N GLU E 63 -28.80 4.32 -0.50
CA GLU E 63 -29.13 5.44 0.41
C GLU E 63 -30.19 5.09 1.43
N GLU E 64 -31.20 4.34 1.04
CA GLU E 64 -32.25 3.97 1.98
C GLU E 64 -31.77 2.76 2.79
N LEU E 65 -30.88 1.95 2.21
CA LEU E 65 -30.30 0.83 3.01
C LEU E 65 -29.56 1.36 4.21
N ALA E 66 -28.77 2.39 4.02
CA ALA E 66 -27.98 2.96 5.12
C ALA E 66 -28.89 3.41 6.25
N VAL E 67 -29.98 4.08 5.89
CA VAL E 67 -30.84 4.66 6.90
C VAL E 67 -31.67 3.55 7.57
N ASP E 68 -32.02 2.54 6.78
CA ASP E 68 -32.79 1.40 7.25
C ASP E 68 -31.99 0.62 8.30
N LEU E 69 -30.76 0.37 7.99
CA LEU E 69 -29.94 -0.36 8.92
C LEU E 69 -29.66 0.48 10.15
N LEU E 70 -29.50 1.80 9.99
CA LEU E 70 -29.33 2.65 11.14
C LEU E 70 -30.52 2.49 12.10
N GLU E 71 -31.70 2.52 11.52
CA GLU E 71 -32.95 2.33 12.29
C GLU E 71 -33.02 0.98 12.93
N LYS E 72 -32.59 -0.08 12.22
CA LYS E 72 -32.53 -1.41 12.87
C LYS E 72 -31.60 -1.46 14.08
N VAL E 73 -30.42 -0.90 13.94
CA VAL E 73 -29.50 -0.99 15.07
C VAL E 73 -30.11 -0.17 16.26
N LYS E 74 -30.71 0.95 15.98
CA LYS E 74 -31.32 1.75 17.06
C LYS E 74 -32.46 1.01 17.71
N ALA E 75 -33.29 0.36 16.90
CA ALA E 75 -34.38 -0.40 17.52
C ALA E 75 -33.85 -1.58 18.34
N ALA E 76 -32.77 -2.22 17.90
CA ALA E 76 -32.22 -3.40 18.59
C ALA E 76 -31.50 -3.06 19.90
N VAL E 77 -30.61 -2.05 19.90
CA VAL E 77 -29.80 -1.83 21.11
C VAL E 77 -29.78 -0.38 21.62
N ASN E 78 -30.55 0.50 20.97
CA ASN E 78 -30.72 1.88 21.33
C ASN E 78 -29.45 2.63 21.79
N PRO E 79 -28.45 2.74 20.90
CA PRO E 79 -27.27 3.48 21.28
C PRO E 79 -27.46 4.98 21.15
N PRO E 80 -26.73 5.76 21.93
CA PRO E 80 -26.88 7.22 21.83
C PRO E 80 -26.17 7.78 20.59
N TYR E 81 -25.30 6.99 19.98
CA TYR E 81 -24.58 7.34 18.80
C TYR E 81 -24.47 6.12 17.97
N VAL E 82 -24.80 6.31 16.69
CA VAL E 82 -24.70 5.26 15.64
C VAL E 82 -24.35 5.90 14.29
N LYS E 83 -23.39 5.32 13.58
CA LYS E 83 -23.08 5.73 12.24
C LYS E 83 -23.05 4.53 11.34
N VAL E 84 -23.69 4.64 10.18
CA VAL E 84 -23.69 3.55 9.20
C VAL E 84 -23.16 4.12 7.89
N THR E 85 -22.20 3.42 7.31
CA THR E 85 -21.63 3.78 6.04
C THR E 85 -21.75 2.59 5.09
N VAL E 86 -22.31 2.84 3.93
CA VAL E 86 -22.42 1.84 2.88
C VAL E 86 -21.57 2.27 1.68
N LYS E 87 -20.75 1.38 1.17
CA LYS E 87 -19.83 1.70 0.07
C LYS E 87 -20.16 0.71 -1.05
N SER E 88 -20.35 1.21 -2.27
CA SER E 88 -20.56 0.39 -3.43
C SER E 88 -20.06 1.08 -4.67
N TYR E 89 -20.32 0.48 -5.83
CA TYR E 89 -19.76 0.92 -7.14
C TYR E 89 -20.89 0.71 -8.14
N TYR E 90 -21.12 1.63 -9.05
CA TYR E 90 -22.26 1.54 -9.97
C TYR E 90 -21.92 2.44 -11.16
N ILE E 91 -22.00 1.89 -12.37
CA ILE E 91 -21.74 2.59 -13.63
C ILE E 91 -20.40 3.41 -13.62
N GLY E 92 -19.33 2.80 -13.04
CA GLY E 92 -17.99 3.39 -12.92
C GLY E 92 -17.85 4.46 -11.82
N VAL E 93 -18.75 4.52 -10.86
CA VAL E 93 -18.70 5.56 -9.83
C VAL E 93 -18.56 4.89 -8.50
N GLU E 94 -17.66 5.38 -7.68
CA GLU E 94 -17.57 4.89 -6.29
C GLU E 94 -18.49 5.72 -5.44
N VAL E 95 -19.34 5.05 -4.68
CA VAL E 95 -20.38 5.72 -3.93
C VAL E 95 -20.28 5.31 -2.44
N GLU E 96 -20.40 6.27 -1.56
CA GLU E 96 -20.49 6.05 -0.12
C GLU E 96 -21.64 6.90 0.38
N VAL E 97 -22.49 6.27 1.17
CA VAL E 97 -23.59 6.91 1.79
C VAL E 97 -23.46 6.64 3.29
N VAL E 98 -23.63 7.72 4.06
CA VAL E 98 -23.51 7.71 5.54
C VAL E 98 -24.84 8.14 6.17
N ALA E 99 -25.27 7.41 7.20
CA ALA E 99 -26.41 7.84 8.03
C ALA E 99 -25.98 7.84 9.43
N GLU E 100 -26.43 8.79 10.23
CA GLU E 100 -25.77 8.99 11.52
C GLU E 100 -26.80 9.56 12.44
N SER E 101 -26.86 9.10 13.65
CA SER E 101 -27.82 9.61 14.63
C SER E 101 -27.08 9.88 15.91
N GLY E 102 -27.27 11.05 16.48
CA GLY E 102 -26.54 11.46 17.69
C GLY E 102 -25.20 12.19 17.47
N GLY E 103 -24.86 12.55 16.22
CA GLY E 103 -23.69 13.39 15.91
C GLY E 103 -24.07 14.86 16.08
N VAL E 104 -23.35 15.79 15.47
CA VAL E 104 -23.54 17.27 15.73
C VAL E 104 -24.99 17.78 15.24
N PRO E 105 -25.71 18.69 16.02
CA PRO E 105 -27.21 18.82 15.92
C PRO E 105 -27.96 18.07 14.79
N LYS F 6 -35.41 10.16 7.76
CA LYS F 6 -34.20 11.03 7.71
C LYS F 6 -33.40 10.79 6.42
N SER F 7 -32.75 11.82 5.94
CA SER F 7 -31.97 11.61 4.76
C SER F 7 -30.60 11.11 5.29
N PRO F 8 -29.79 10.56 4.41
CA PRO F 8 -28.42 10.28 4.79
C PRO F 8 -27.79 11.56 5.25
N SER F 9 -26.80 11.48 6.10
CA SER F 9 -26.11 12.67 6.50
C SER F 9 -24.99 13.11 5.56
N LEU F 10 -24.52 12.22 4.65
CA LEU F 10 -23.43 12.50 3.72
C LEU F 10 -23.42 11.53 2.56
N VAL F 11 -23.10 12.03 1.36
CA VAL F 11 -22.88 11.15 0.24
C VAL F 11 -21.54 11.54 -0.33
N ARG F 12 -20.73 10.54 -0.75
CA ARG F 12 -19.46 10.85 -1.44
C ARG F 12 -19.51 10.09 -2.74
N LEU F 13 -19.15 10.74 -3.84
CA LEU F 13 -19.12 10.10 -5.16
C LEU F 13 -17.74 10.36 -5.71
N LYS F 14 -17.19 9.40 -6.41
CA LYS F 14 -15.89 9.54 -6.99
C LYS F 14 -15.89 8.81 -8.34
N THR F 15 -15.35 9.48 -9.37
CA THR F 15 -15.24 8.91 -10.70
C THR F 15 -14.15 9.62 -11.52
N ARG F 16 -13.91 9.13 -12.73
CA ARG F 16 -12.83 9.61 -13.64
C ARG F 16 -13.53 10.38 -14.74
N GLY F 17 -12.89 11.42 -15.27
CA GLY F 17 -13.51 12.11 -16.40
C GLY F 17 -12.39 12.64 -17.27
N GLU F 18 -12.75 13.37 -18.32
CA GLU F 18 -11.80 13.96 -19.30
C GLU F 18 -12.36 15.31 -19.71
N SER F 19 -11.47 16.21 -20.11
CA SER F 19 -11.81 17.52 -20.64
C SER F 19 -10.68 17.90 -21.61
N VAL F 20 -10.74 19.08 -22.20
CA VAL F 20 -9.68 19.52 -23.08
C VAL F 20 -8.96 20.67 -22.37
N CYS F 21 -7.64 20.54 -22.18
CA CYS F 21 -6.86 21.57 -21.45
C CYS F 21 -6.61 22.81 -22.36
N PRO F 22 -7.00 24.04 -21.88
CA PRO F 22 -6.84 25.26 -22.75
C PRO F 22 -5.40 25.62 -23.07
N ILE F 23 -4.48 25.25 -22.19
CA ILE F 23 -3.09 25.66 -22.32
C ILE F 23 -2.43 24.70 -23.28
N SER F 24 -2.53 23.42 -23.02
CA SER F 24 -1.90 22.40 -23.88
C SER F 24 -2.64 22.10 -25.19
N LYS F 25 -3.92 22.49 -25.24
CA LYS F 25 -4.80 22.18 -26.32
C LYS F 25 -4.95 20.67 -26.55
N THR F 26 -4.84 19.83 -25.53
CA THR F 26 -4.98 18.36 -25.69
C THR F 26 -5.89 17.81 -24.56
N VAL F 27 -6.31 16.54 -24.69
CA VAL F 27 -7.28 15.96 -23.75
C VAL F 27 -6.54 15.77 -22.44
N ASP F 28 -7.16 16.13 -21.32
CA ASP F 28 -6.60 15.88 -19.99
C ASP F 28 -7.57 15.01 -19.16
N SER F 29 -7.04 13.95 -18.57
CA SER F 29 -7.75 13.13 -17.63
C SER F 29 -7.83 13.85 -16.27
N PHE F 30 -8.86 13.52 -15.52
CA PHE F 30 -9.00 13.87 -14.14
C PHE F 30 -9.84 12.82 -13.33
N GLU F 31 -9.62 12.88 -12.04
CA GLU F 31 -10.44 12.20 -11.05
C GLU F 31 -11.23 13.27 -10.32
N VAL F 32 -12.53 13.02 -10.17
CA VAL F 32 -13.39 14.03 -9.48
C VAL F 32 -14.15 13.39 -8.27
N SER F 33 -14.21 14.10 -7.14
CA SER F 33 -14.96 13.65 -5.97
C SER F 33 -15.89 14.74 -5.62
N VAL F 34 -17.10 14.34 -5.23
CA VAL F 34 -18.12 15.20 -4.73
C VAL F 34 -18.60 14.59 -3.43
N GLU F 35 -18.73 15.48 -2.46
CA GLU F 35 -19.20 15.16 -1.14
C GLU F 35 -20.33 16.14 -0.90
N TYR F 36 -21.47 15.65 -0.45
CA TYR F 36 -22.57 16.54 -0.15
C TYR F 36 -23.49 16.00 0.93
N ILE F 37 -24.20 16.92 1.57
CA ILE F 37 -25.08 16.60 2.68
C ILE F 37 -26.44 16.60 2.01
N PRO F 38 -27.08 15.46 1.86
CA PRO F 38 -28.39 15.53 1.21
C PRO F 38 -29.47 16.35 1.97
N ARG F 39 -30.43 16.91 1.21
CA ARG F 39 -31.63 17.52 1.80
C ARG F 39 -32.76 17.32 0.81
N GLY F 40 -33.53 16.28 1.07
CA GLY F 40 -34.42 15.72 0.07
C GLY F 40 -33.63 14.67 -0.69
N ALA F 41 -34.00 14.49 -1.94
CA ALA F 41 -33.41 13.50 -2.86
C ALA F 41 -31.84 13.48 -3.02
N VAL F 42 -31.38 12.27 -3.28
CA VAL F 42 -30.02 11.98 -3.50
C VAL F 42 -29.87 12.15 -4.99
N LEU F 43 -28.70 12.60 -5.42
CA LEU F 43 -28.40 12.72 -6.83
C LEU F 43 -28.29 11.34 -7.46
N ALA F 44 -29.08 11.06 -8.47
CA ALA F 44 -28.95 9.77 -9.18
C ALA F 44 -27.56 9.61 -9.80
N ILE F 45 -27.00 8.42 -9.69
CA ILE F 45 -25.66 8.21 -10.20
C ILE F 45 -25.58 8.43 -11.70
N GLU F 46 -26.67 8.10 -12.38
CA GLU F 46 -26.74 8.31 -13.83
C GLU F 46 -26.62 9.79 -14.18
N GLU F 47 -27.30 10.62 -13.38
CA GLU F 47 -27.22 12.03 -13.51
C GLU F 47 -25.79 12.60 -13.20
N PHE F 48 -25.22 12.21 -12.05
CA PHE F 48 -23.79 12.55 -11.80
C PHE F 48 -22.90 12.19 -13.03
N LYS F 49 -23.04 11.00 -13.56
CA LYS F 49 -22.20 10.57 -14.65
C LYS F 49 -22.40 11.44 -15.88
N LYS F 50 -23.64 11.81 -16.13
CA LYS F 50 -23.93 12.81 -17.18
C LYS F 50 -23.24 14.14 -16.96
N MET F 51 -23.29 14.64 -15.72
CA MET F 51 -22.59 15.92 -15.44
C MET F 51 -21.09 15.81 -15.75
N VAL F 52 -20.46 14.74 -15.24
CA VAL F 52 -19.02 14.62 -15.48
C VAL F 52 -18.69 14.46 -16.98
N ASP F 53 -19.50 13.68 -17.65
CA ASP F 53 -19.34 13.38 -19.03
C ASP F 53 -19.55 14.60 -19.88
N SER F 54 -20.23 15.61 -19.35
CA SER F 54 -20.51 16.82 -20.10
C SER F 54 -19.21 17.55 -20.48
N TYR F 55 -18.11 17.31 -19.77
CA TYR F 55 -16.90 18.02 -20.01
C TYR F 55 -16.00 17.38 -21.07
N ARG F 56 -16.25 16.10 -21.43
CA ARG F 56 -15.55 15.44 -22.53
C ARG F 56 -15.61 16.29 -23.79
N GLY F 57 -14.47 16.60 -24.38
CA GLY F 57 -14.46 17.44 -25.60
C GLY F 57 -14.56 18.98 -25.37
N ARG F 58 -14.68 19.40 -24.10
CA ARG F 58 -14.92 20.78 -23.78
C ARG F 58 -13.63 21.34 -23.29
N GLU F 59 -13.21 22.42 -23.90
CA GLU F 59 -12.04 23.10 -23.48
C GLU F 59 -12.41 23.90 -22.20
N ILE F 60 -11.83 23.51 -21.05
CA ILE F 60 -12.15 24.17 -19.76
C ILE F 60 -11.06 23.89 -18.72
N LEU F 61 -10.67 24.92 -17.97
CA LEU F 61 -9.56 24.74 -16.99
C LEU F 61 -10.11 23.93 -15.82
N HIS F 62 -9.29 23.08 -15.21
CA HIS F 62 -9.75 22.32 -14.04
C HIS F 62 -10.30 23.15 -12.86
N GLU F 63 -9.83 24.38 -12.69
CA GLU F 63 -10.38 25.37 -11.71
C GLU F 63 -11.81 25.69 -11.94
N GLU F 64 -12.11 25.98 -13.21
CA GLU F 64 -13.46 26.37 -13.65
C GLU F 64 -14.37 25.12 -13.65
N LEU F 65 -13.85 23.93 -14.01
CA LEU F 65 -14.65 22.71 -14.09
C LEU F 65 -15.18 22.36 -12.69
N ALA F 66 -14.30 22.47 -11.68
CA ALA F 66 -14.69 22.18 -10.28
C ALA F 66 -15.89 23.07 -9.86
N VAL F 67 -15.75 24.36 -10.11
CA VAL F 67 -16.81 25.36 -9.84
C VAL F 67 -18.12 25.10 -10.66
N ASP F 68 -17.97 24.86 -11.94
CA ASP F 68 -19.09 24.48 -12.76
C ASP F 68 -19.82 23.24 -12.27
N LEU F 69 -19.07 22.21 -11.92
CA LEU F 69 -19.69 20.95 -11.49
C LEU F 69 -20.45 21.17 -10.17
N LEU F 70 -19.86 22.00 -9.31
CA LEU F 70 -20.46 22.38 -8.04
C LEU F 70 -21.82 23.04 -8.31
N GLU F 71 -21.85 24.00 -9.26
CA GLU F 71 -23.09 24.64 -9.52
CA GLU F 71 -23.06 24.65 -9.71
C GLU F 71 -24.09 23.62 -10.14
N LYS F 72 -23.66 22.68 -10.99
CA LYS F 72 -24.58 21.69 -11.52
C LYS F 72 -25.18 20.80 -10.44
N VAL F 73 -24.43 20.45 -9.39
CA VAL F 73 -24.96 19.58 -8.32
C VAL F 73 -25.97 20.39 -7.48
N LYS F 74 -25.62 21.63 -7.12
CA LYS F 74 -26.57 22.49 -6.42
C LYS F 74 -27.90 22.68 -7.22
N ALA F 75 -27.82 22.91 -8.52
CA ALA F 75 -28.99 23.04 -9.39
C ALA F 75 -29.88 21.81 -9.33
N ALA F 76 -29.26 20.64 -9.32
CA ALA F 76 -30.03 19.41 -9.39
C ALA F 76 -30.69 19.02 -8.05
N VAL F 77 -29.91 19.01 -6.96
CA VAL F 77 -30.38 18.50 -5.68
C VAL F 77 -30.24 19.45 -4.52
N ASN F 78 -29.74 20.65 -4.79
CA ASN F 78 -29.70 21.75 -3.83
C ASN F 78 -29.32 21.36 -2.35
N PRO F 79 -28.13 20.75 -2.15
CA PRO F 79 -27.71 20.39 -0.79
C PRO F 79 -27.22 21.58 -0.01
N PRO F 80 -27.32 21.59 1.34
CA PRO F 80 -26.76 22.71 2.14
C PRO F 80 -25.21 22.80 2.16
N TYR F 81 -24.57 21.75 1.73
CA TYR F 81 -23.11 21.66 1.70
C TYR F 81 -22.72 20.77 0.53
N VAL F 82 -21.77 21.19 -0.29
CA VAL F 82 -21.30 20.40 -1.38
C VAL F 82 -19.79 20.72 -1.48
N LYS F 83 -18.94 19.75 -1.83
CA LYS F 83 -17.55 20.00 -2.04
C LYS F 83 -17.20 19.13 -3.25
N VAL F 84 -16.52 19.73 -4.21
CA VAL F 84 -16.09 19.12 -5.45
C VAL F 84 -14.55 19.25 -5.48
N THR F 85 -13.89 18.11 -5.72
CA THR F 85 -12.46 18.07 -5.76
C THR F 85 -12.05 17.48 -7.06
N VAL F 86 -11.26 18.23 -7.83
CA VAL F 86 -10.76 17.79 -9.13
C VAL F 86 -9.24 17.55 -9.07
N LYS F 87 -8.81 16.29 -9.31
CA LYS F 87 -7.39 15.90 -9.23
C LYS F 87 -6.84 15.57 -10.59
N SER F 88 -5.71 16.18 -10.94
CA SER F 88 -5.09 15.83 -12.22
C SER F 88 -3.59 15.99 -12.20
N TYR F 89 -2.92 15.56 -13.27
CA TYR F 89 -1.46 15.54 -13.33
C TYR F 89 -1.11 16.31 -14.59
N TYR F 90 -0.38 17.41 -14.42
CA TYR F 90 -0.13 18.30 -15.50
C TYR F 90 1.31 18.79 -15.42
N ILE F 91 2.04 18.59 -16.53
CA ILE F 91 3.50 18.93 -16.65
C ILE F 91 4.36 18.54 -15.43
N GLY F 92 4.06 17.39 -14.84
CA GLY F 92 4.82 16.87 -13.68
C GLY F 92 4.40 17.34 -12.32
N VAL F 93 3.29 18.05 -12.32
CA VAL F 93 2.62 18.59 -11.16
C VAL F 93 1.28 17.86 -10.90
N GLU F 94 1.15 17.37 -9.69
CA GLU F 94 -0.13 16.83 -9.14
C GLU F 94 -0.94 18.01 -8.64
N VAL F 95 -2.10 18.19 -9.24
CA VAL F 95 -2.98 19.34 -8.94
C VAL F 95 -4.31 18.84 -8.34
N GLU F 96 -4.75 19.40 -7.20
CA GLU F 96 -6.12 19.24 -6.68
C GLU F 96 -6.75 20.58 -6.60
N VAL F 97 -7.92 20.70 -7.23
CA VAL F 97 -8.74 21.89 -7.11
C VAL F 97 -10.01 21.59 -6.37
N VAL F 98 -10.29 22.43 -5.41
CA VAL F 98 -11.50 22.24 -4.57
C VAL F 98 -12.47 23.39 -4.65
N ALA F 99 -13.74 23.07 -4.82
CA ALA F 99 -14.84 24.09 -4.84
C ALA F 99 -15.86 23.60 -3.84
N GLU F 100 -16.28 24.48 -2.99
CA GLU F 100 -17.07 24.15 -1.82
C GLU F 100 -18.12 25.22 -1.61
N SER F 101 -19.36 24.87 -1.26
CA SER F 101 -20.45 25.81 -0.90
C SER F 101 -21.15 25.29 0.34
N GLY F 102 -21.36 26.19 1.32
CA GLY F 102 -22.08 25.95 2.60
C GLY F 102 -21.14 25.72 3.79
N GLY F 103 -21.65 25.32 4.98
CA GLY F 103 -20.79 25.16 6.22
C GLY F 103 -20.01 23.83 6.43
N VAL F 104 -18.83 23.90 7.10
CA VAL F 104 -17.91 22.72 7.38
C VAL F 104 -18.63 21.51 8.03
N PRO F 105 -18.53 20.27 7.44
CA PRO F 105 -19.08 19.07 8.13
C PRO F 105 -18.20 18.32 9.18
N PRO F 106 -16.85 18.19 8.99
CA PRO F 106 -16.07 17.56 10.09
C PRO F 106 -15.93 18.49 11.27
N LYS G 6 36.58 -5.72 -8.80
CA LYS G 6 35.45 -6.47 -9.48
C LYS G 6 34.18 -5.61 -9.57
N SER G 7 33.50 -5.64 -10.71
CA SER G 7 32.41 -4.73 -10.97
C SER G 7 31.13 -5.45 -10.49
N PRO G 8 30.07 -4.66 -10.25
CA PRO G 8 28.71 -5.17 -10.04
C PRO G 8 28.25 -6.01 -11.23
N SER G 9 27.29 -6.91 -10.98
CA SER G 9 26.60 -7.70 -12.01
C SER G 9 25.49 -6.95 -12.71
N LEU G 10 24.84 -6.00 -12.04
CA LEU G 10 23.72 -5.25 -12.61
C LEU G 10 23.62 -3.93 -11.91
N VAL G 11 23.27 -2.90 -12.64
CA VAL G 11 22.87 -1.67 -12.00
C VAL G 11 21.52 -1.25 -12.49
N ARG G 12 20.66 -0.77 -11.58
CA ARG G 12 19.41 -0.11 -11.96
CA ARG G 12 19.36 -0.14 -11.91
C ARG G 12 19.41 1.36 -11.50
N LEU G 13 19.01 2.23 -12.39
CA LEU G 13 18.91 3.68 -12.13
C LEU G 13 17.50 4.16 -12.51
N LYS G 14 16.90 5.01 -11.70
CA LYS G 14 15.60 5.54 -12.00
C LYS G 14 15.53 6.99 -11.56
N THR G 15 15.01 7.85 -12.44
CA THR G 15 14.89 9.28 -12.15
C THR G 15 13.71 9.88 -12.95
N ARG G 16 13.38 11.13 -12.65
CA ARG G 16 12.39 11.93 -13.41
C ARG G 16 13.13 12.86 -14.40
N GLY G 17 12.48 13.13 -15.50
CA GLY G 17 12.97 14.09 -16.44
C GLY G 17 11.80 14.69 -17.20
N GLU G 18 12.20 15.47 -18.18
CA GLU G 18 11.32 16.21 -19.02
C GLU G 18 11.82 16.35 -20.42
N SER G 19 10.88 16.52 -21.37
CA SER G 19 11.23 16.88 -22.74
C SER G 19 10.11 17.86 -23.24
N VAL G 20 10.06 18.09 -24.54
CA VAL G 20 9.04 18.96 -25.12
C VAL G 20 8.29 18.15 -26.11
N CYS G 21 6.97 18.12 -25.96
CA CYS G 21 6.13 17.34 -26.88
C CYS G 21 6.17 18.04 -28.23
N PRO G 22 6.64 17.36 -29.32
CA PRO G 22 6.84 18.15 -30.57
C PRO G 22 5.56 18.72 -31.19
N ILE G 23 4.43 18.02 -31.00
CA ILE G 23 3.10 18.50 -31.43
C ILE G 23 2.71 19.77 -30.67
N SER G 24 2.50 19.62 -29.35
CA SER G 24 1.89 20.65 -28.54
C SER G 24 2.90 21.71 -28.13
N LYS G 25 4.19 21.34 -28.13
CA LYS G 25 5.31 22.17 -27.62
C LYS G 25 5.16 22.56 -26.16
N THR G 26 4.58 21.66 -25.39
CA THR G 26 4.50 21.83 -23.95
C THR G 26 5.45 20.82 -23.32
N VAL G 27 5.72 21.05 -22.05
CA VAL G 27 6.51 20.16 -21.25
C VAL G 27 5.88 18.76 -21.11
N ASP G 28 6.68 17.79 -21.45
CA ASP G 28 6.28 16.41 -21.41
C ASP G 28 7.16 15.77 -20.33
N SER G 29 6.63 15.65 -19.12
CA SER G 29 7.34 14.99 -18.03
C SER G 29 7.38 13.42 -18.14
N PHE G 30 8.45 12.79 -17.61
CA PHE G 30 8.53 11.32 -17.62
C PHE G 30 9.28 10.76 -16.45
N GLU G 31 9.11 9.44 -16.26
CA GLU G 31 9.94 8.73 -15.36
C GLU G 31 10.79 7.78 -16.25
N VAL G 32 12.09 7.66 -15.98
CA VAL G 32 12.97 6.81 -16.83
C VAL G 32 13.76 5.86 -15.97
N SER G 33 13.82 4.62 -16.37
CA SER G 33 14.50 3.57 -15.61
C SER G 33 15.50 2.99 -16.58
N VAL G 34 16.70 2.71 -16.10
CA VAL G 34 17.77 2.08 -16.92
C VAL G 34 18.34 0.90 -16.13
N GLU G 35 18.46 -0.25 -16.79
CA GLU G 35 19.13 -1.38 -16.19
C GLU G 35 20.29 -1.76 -17.15
N TYR G 36 21.44 -2.05 -16.61
CA TYR G 36 22.54 -2.50 -17.43
C TYR G 36 23.45 -3.41 -16.68
N ILE G 37 24.06 -4.32 -17.41
CA ILE G 37 25.16 -5.18 -16.90
C ILE G 37 26.50 -4.44 -17.15
N PRO G 38 27.18 -4.02 -16.11
CA PRO G 38 28.49 -3.42 -16.38
C PRO G 38 29.53 -4.34 -17.04
N ARG G 39 30.37 -3.77 -17.90
CA ARG G 39 31.56 -4.46 -18.43
C ARG G 39 32.72 -3.63 -17.87
N GLY G 40 33.24 -4.06 -16.74
CA GLY G 40 34.31 -3.35 -16.09
C GLY G 40 34.08 -1.90 -15.70
N ALA G 41 32.96 -1.24 -16.03
CA ALA G 41 32.90 0.21 -15.89
C ALA G 41 31.49 0.63 -15.52
N VAL G 42 31.34 1.34 -14.41
CA VAL G 42 30.01 1.72 -13.91
C VAL G 42 29.77 3.17 -14.34
N LEU G 43 28.58 3.49 -14.86
CA LEU G 43 28.26 4.83 -15.29
C LEU G 43 28.18 5.77 -14.06
N ALA G 44 28.90 6.88 -14.02
CA ALA G 44 28.73 7.79 -12.89
C ALA G 44 27.31 8.35 -12.87
N ILE G 45 26.80 8.47 -11.66
CA ILE G 45 25.42 8.97 -11.52
C ILE G 45 25.31 10.37 -12.06
N GLU G 46 26.29 11.19 -11.75
CA GLU G 46 26.36 12.55 -12.29
C GLU G 46 26.23 12.58 -13.81
N GLU G 47 26.80 11.59 -14.46
CA GLU G 47 26.81 11.51 -15.94
C GLU G 47 25.45 11.05 -16.51
N PHE G 48 24.87 10.05 -15.85
CA PHE G 48 23.44 9.67 -16.11
C PHE G 48 22.50 10.83 -15.93
N LYS G 49 22.63 11.59 -14.83
CA LYS G 49 21.75 12.74 -14.62
C LYS G 49 21.88 13.77 -15.75
N LYS G 50 23.12 14.04 -16.13
CA LYS G 50 23.36 14.87 -17.29
C LYS G 50 22.67 14.33 -18.58
N MET G 51 22.77 13.01 -18.84
CA MET G 51 22.08 12.46 -20.01
C MET G 51 20.61 12.72 -19.96
N VAL G 52 20.00 12.52 -18.81
CA VAL G 52 18.56 12.66 -18.70
C VAL G 52 18.11 14.14 -18.84
N ASP G 53 18.90 15.00 -18.20
CA ASP G 53 18.66 16.43 -18.16
C ASP G 53 18.90 17.01 -19.48
N SER G 54 19.69 16.32 -20.29
CA SER G 54 19.89 16.75 -21.68
C SER G 54 18.58 16.87 -22.52
N TYR G 55 17.49 16.16 -22.19
CA TYR G 55 16.24 16.25 -22.97
C TYR G 55 15.37 17.44 -22.61
N ARG G 56 15.71 18.11 -21.52
CA ARG G 56 15.10 19.33 -21.13
C ARG G 56 15.05 20.35 -22.30
N GLY G 57 13.85 20.79 -22.66
CA GLY G 57 13.69 21.75 -23.77
C GLY G 57 13.84 21.16 -25.14
N ARG G 58 14.01 19.86 -25.28
CA ARG G 58 14.21 19.28 -26.58
C ARG G 58 12.95 18.62 -27.06
N GLU G 59 12.62 18.84 -28.32
CA GLU G 59 11.41 18.27 -28.86
C GLU G 59 11.70 16.86 -29.31
N ILE G 60 11.14 15.88 -28.61
CA ILE G 60 11.39 14.54 -28.99
C ILE G 60 10.26 13.70 -28.45
N LEU G 61 9.86 12.69 -29.18
CA LEU G 61 8.85 11.79 -28.67
C LEU G 61 9.46 10.79 -27.68
N HIS G 62 8.70 10.34 -26.69
CA HIS G 62 9.26 9.42 -25.72
C HIS G 62 9.77 8.11 -26.25
N GLU G 63 9.12 7.54 -27.29
CA GLU G 63 9.67 6.44 -28.16
C GLU G 63 11.09 6.66 -28.51
N GLU G 64 11.34 7.86 -29.03
CA GLU G 64 12.64 8.17 -29.57
C GLU G 64 13.60 8.36 -28.43
N LEU G 65 13.11 8.97 -27.35
CA LEU G 65 13.93 9.26 -26.19
C LEU G 65 14.47 7.96 -25.64
N ALA G 66 13.62 6.98 -25.51
CA ALA G 66 14.10 5.75 -24.87
C ALA G 66 15.29 5.16 -25.65
N VAL G 67 15.19 5.19 -26.96
CA VAL G 67 16.20 4.66 -27.82
C VAL G 67 17.40 5.54 -27.77
N ASP G 68 17.24 6.86 -27.81
CA ASP G 68 18.39 7.79 -27.78
C ASP G 68 19.19 7.63 -26.50
N LEU G 69 18.49 7.61 -25.36
CA LEU G 69 19.20 7.37 -24.08
C LEU G 69 19.91 6.02 -24.02
N LEU G 70 19.27 5.01 -24.57
CA LEU G 70 19.94 3.68 -24.67
C LEU G 70 21.25 3.83 -25.39
N GLU G 71 21.25 4.56 -26.52
CA GLU G 71 22.49 4.78 -27.29
C GLU G 71 23.58 5.56 -26.54
N LYS G 72 23.16 6.57 -25.79
CA LYS G 72 24.07 7.32 -24.94
C LYS G 72 24.72 6.49 -23.86
N VAL G 73 23.94 5.64 -23.19
CA VAL G 73 24.49 4.71 -22.22
C VAL G 73 25.50 3.75 -22.87
N LYS G 74 25.11 3.19 -24.05
CA LYS G 74 26.03 2.28 -24.76
C LYS G 74 27.30 2.99 -25.12
N ALA G 75 27.18 4.15 -25.75
CA ALA G 75 28.40 4.94 -26.10
C ALA G 75 29.27 5.29 -24.91
N ALA G 76 28.68 5.47 -23.73
CA ALA G 76 29.49 5.86 -22.59
C ALA G 76 30.19 4.68 -21.85
N VAL G 77 29.55 3.56 -21.58
CA VAL G 77 30.26 2.46 -20.83
C VAL G 77 30.08 1.06 -21.46
N ASN G 78 29.51 1.04 -22.64
CA ASN G 78 29.46 -0.13 -23.49
C ASN G 78 29.08 -1.42 -22.81
N PRO G 79 27.91 -1.43 -22.17
CA PRO G 79 27.50 -2.64 -21.47
C PRO G 79 27.07 -3.73 -22.39
N PRO G 80 27.24 -5.00 -22.01
CA PRO G 80 26.73 -6.05 -22.90
C PRO G 80 25.20 -6.16 -22.89
N TYR G 81 24.55 -5.47 -21.95
CA TYR G 81 23.08 -5.54 -21.88
C TYR G 81 22.68 -4.20 -21.33
N VAL G 82 21.74 -3.54 -21.97
CA VAL G 82 21.08 -2.32 -21.50
C VAL G 82 19.59 -2.37 -21.79
N LYS G 83 18.78 -1.88 -20.86
CA LYS G 83 17.35 -1.70 -21.03
C LYS G 83 16.95 -0.34 -20.49
N VAL G 84 16.21 0.43 -21.31
CA VAL G 84 15.68 1.72 -20.91
C VAL G 84 14.15 1.67 -21.01
N THR G 85 13.46 2.27 -20.04
CA THR G 85 12.00 2.26 -19.92
C THR G 85 11.65 3.72 -19.64
N VAL G 86 10.83 4.33 -20.47
CA VAL G 86 10.31 5.70 -20.25
C VAL G 86 8.81 5.54 -20.06
N LYS G 87 8.34 6.07 -18.93
CA LYS G 87 6.93 6.08 -18.56
C LYS G 87 6.44 7.47 -18.51
N SER G 88 5.31 7.69 -19.15
CA SER G 88 4.68 8.98 -19.16
C SER G 88 3.17 8.77 -19.27
N TYR G 89 2.48 9.88 -19.18
CA TYR G 89 1.08 9.93 -19.09
C TYR G 89 0.65 10.93 -20.21
N TYR G 90 -0.05 10.46 -21.24
CA TYR G 90 -0.46 11.33 -22.33
C TYR G 90 -1.91 11.04 -22.68
N ILE G 91 -2.74 12.12 -22.80
CA ILE G 91 -4.17 12.09 -23.15
C ILE G 91 -4.93 10.96 -22.41
N GLY G 92 -4.64 10.86 -21.11
CA GLY G 92 -5.21 9.86 -20.19
C GLY G 92 -4.80 8.41 -20.40
N VAL G 93 -3.74 8.21 -21.15
CA VAL G 93 -3.16 6.88 -21.40
C VAL G 93 -1.85 6.80 -20.63
N GLU G 94 -1.65 5.75 -19.83
CA GLU G 94 -0.32 5.48 -19.21
C GLU G 94 0.47 4.75 -20.27
N VAL G 95 1.63 5.27 -20.56
CA VAL G 95 2.47 4.76 -21.59
C VAL G 95 3.83 4.32 -21.04
N GLU G 96 4.27 3.12 -21.44
CA GLU G 96 5.63 2.67 -21.18
C GLU G 96 6.25 2.23 -22.42
N VAL G 97 7.39 2.82 -22.72
CA VAL G 97 8.21 2.45 -23.86
C VAL G 97 9.53 1.88 -23.38
N VAL G 98 9.82 0.67 -23.84
CA VAL G 98 11.06 -0.07 -23.51
C VAL G 98 11.97 -0.13 -24.73
N ALA G 99 13.29 0.02 -24.50
CA ALA G 99 14.27 -0.17 -25.56
C ALA G 99 15.33 -1.01 -24.91
N GLU G 100 15.86 -1.98 -25.64
CA GLU G 100 16.87 -2.86 -25.06
C GLU G 100 17.87 -3.26 -26.12
N SER G 101 19.05 -3.62 -25.67
CA SER G 101 20.19 -3.87 -26.51
C SER G 101 21.03 -4.94 -25.81
N GLY G 102 21.58 -5.85 -26.61
CA GLY G 102 22.42 -6.94 -26.08
C GLY G 102 23.86 -6.87 -26.58
N GLY G 103 24.51 -8.03 -26.76
CA GLY G 103 25.98 -8.18 -26.99
C GLY G 103 26.52 -9.48 -26.36
N VAL G 104 27.86 -9.62 -26.37
CA VAL G 104 28.57 -10.82 -25.81
C VAL G 104 29.38 -10.37 -24.55
N PRO G 105 29.42 -11.21 -23.47
CA PRO G 105 30.33 -11.03 -22.28
C PRO G 105 31.85 -11.40 -22.49
N PRO G 106 32.70 -11.61 -21.41
CA PRO G 106 34.11 -12.06 -21.54
C PRO G 106 34.44 -13.09 -22.59
N LYS H 6 -15.93 33.08 -10.00
CA LYS H 6 -15.93 32.32 -8.71
C LYS H 6 -14.63 31.48 -8.60
N SER H 7 -13.80 31.79 -7.62
CA SER H 7 -12.55 31.10 -7.48
C SER H 7 -12.82 29.73 -6.83
N PRO H 8 -12.00 28.77 -7.14
CA PRO H 8 -12.03 27.64 -6.21
C PRO H 8 -11.64 28.07 -4.73
N SER H 9 -12.04 27.29 -3.76
CA SER H 9 -11.85 27.60 -2.34
C SER H 9 -10.53 27.02 -1.79
N LEU H 10 -9.92 26.08 -2.53
CA LEU H 10 -8.59 25.57 -2.18
C LEU H 10 -7.86 24.92 -3.35
N VAL H 11 -6.56 25.20 -3.50
CA VAL H 11 -5.71 24.52 -4.50
C VAL H 11 -4.53 23.79 -3.79
N ARG H 12 -4.24 22.54 -4.23
CA ARG H 12 -3.09 21.78 -3.77
C ARG H 12 -2.22 21.50 -4.98
N LEU H 13 -0.94 21.82 -4.85
CA LEU H 13 0.08 21.53 -5.91
C LEU H 13 1.21 20.70 -5.33
N LYS H 14 1.65 19.67 -6.04
CA LYS H 14 2.78 18.91 -5.54
C LYS H 14 3.71 18.52 -6.68
N THR H 15 5.02 18.66 -6.49
CA THR H 15 5.95 18.34 -7.53
C THR H 15 7.35 18.09 -6.96
N ARG H 16 8.24 17.60 -7.80
CA ARG H 16 9.61 17.38 -7.43
C ARG H 16 10.47 18.64 -7.85
N GLY H 17 11.53 18.96 -7.09
CA GLY H 17 12.56 19.85 -7.57
C GLY H 17 13.91 19.49 -7.02
N GLU H 18 14.86 20.40 -7.19
CA GLU H 18 16.24 20.24 -6.74
C GLU H 18 16.80 21.58 -6.37
N SER H 19 17.74 21.57 -5.46
CA SER H 19 18.56 22.73 -5.07
C SER H 19 20.00 22.26 -4.92
N VAL H 20 20.84 23.08 -4.32
CA VAL H 20 22.21 22.72 -4.02
C VAL H 20 22.45 22.84 -2.57
N CYS H 21 23.06 21.80 -2.05
CA CYS H 21 23.40 21.75 -0.64
C CYS H 21 24.52 22.72 -0.38
N PRO H 22 24.32 23.71 0.52
CA PRO H 22 25.40 24.76 0.57
C PRO H 22 26.70 24.26 1.20
N ILE H 23 26.63 23.17 1.98
CA ILE H 23 27.86 22.61 2.53
C ILE H 23 28.67 21.80 1.52
N SER H 24 28.07 20.85 0.80
CA SER H 24 28.79 19.97 -0.14
C SER H 24 28.83 20.47 -1.56
N LYS H 25 27.93 21.45 -1.89
CA LYS H 25 27.67 21.89 -3.26
C LYS H 25 27.15 20.82 -4.24
N THR H 26 26.43 19.85 -3.68
CA THR H 26 25.84 18.74 -4.39
C THR H 26 24.36 19.02 -4.53
N VAL H 27 23.79 18.44 -5.59
CA VAL H 27 22.37 18.58 -5.89
C VAL H 27 21.55 17.82 -4.82
N ASP H 28 20.53 18.48 -4.31
CA ASP H 28 19.74 18.09 -3.17
C ASP H 28 18.26 18.08 -3.63
N SER H 29 17.75 16.89 -3.92
CA SER H 29 16.44 16.71 -4.46
C SER H 29 15.36 16.86 -3.38
N PHE H 30 14.17 17.34 -3.75
CA PHE H 30 13.08 17.42 -2.81
C PHE H 30 11.72 17.24 -3.49
N GLU H 31 10.69 17.00 -2.67
CA GLU H 31 9.28 17.07 -3.05
C GLU H 31 8.69 18.26 -2.34
N VAL H 32 7.88 19.03 -3.04
CA VAL H 32 7.28 20.25 -2.47
C VAL H 32 5.78 20.22 -2.72
N SER H 33 5.01 20.58 -1.69
CA SER H 33 3.59 20.69 -1.76
C SER H 33 3.23 22.09 -1.32
N VAL H 34 2.36 22.70 -2.13
CA VAL H 34 1.81 24.00 -1.83
C VAL H 34 0.32 23.95 -1.75
N GLU H 35 -0.22 24.56 -0.71
CA GLU H 35 -1.67 24.55 -0.58
C GLU H 35 -2.05 26.00 -0.34
N TYR H 36 -3.03 26.51 -1.11
CA TYR H 36 -3.49 27.87 -0.88
C TYR H 36 -5.00 28.07 -1.16
N ILE H 37 -5.52 29.13 -0.55
CA ILE H 37 -6.86 29.61 -0.79
C ILE H 37 -6.73 30.77 -1.75
N PRO H 38 -7.23 30.60 -3.00
CA PRO H 38 -7.21 31.73 -3.95
C PRO H 38 -8.05 32.86 -3.44
N ARG H 39 -7.57 34.08 -3.63
CA ARG H 39 -8.47 35.23 -3.59
CA ARG H 39 -8.42 35.27 -3.58
C ARG H 39 -8.52 35.82 -4.98
N GLY H 40 -9.46 35.34 -5.76
CA GLY H 40 -9.65 35.82 -7.12
C GLY H 40 -8.54 35.56 -8.14
N ALA H 41 -7.52 34.78 -7.81
CA ALA H 41 -6.43 34.50 -8.76
C ALA H 41 -5.87 33.14 -8.41
N VAL H 42 -5.73 32.30 -9.41
CA VAL H 42 -5.17 30.98 -9.28
C VAL H 42 -3.81 31.06 -9.92
N LEU H 43 -2.79 30.56 -9.24
CA LEU H 43 -1.47 30.51 -9.80
C LEU H 43 -1.43 29.49 -10.93
N ALA H 44 -0.93 29.92 -12.09
CA ALA H 44 -0.81 29.03 -13.24
C ALA H 44 0.25 27.99 -12.95
N ILE H 45 -0.03 26.78 -13.37
CA ILE H 45 0.83 25.71 -13.09
C ILE H 45 2.23 25.94 -13.66
N GLU H 46 2.29 26.59 -14.83
CA GLU H 46 3.56 26.90 -15.50
C GLU H 46 4.42 27.84 -14.64
N GLU H 47 3.73 28.73 -13.92
CA GLU H 47 4.36 29.67 -13.05
C GLU H 47 4.86 29.00 -11.78
N PHE H 48 4.05 28.09 -11.25
CA PHE H 48 4.49 27.26 -10.14
C PHE H 48 5.73 26.47 -10.49
N LYS H 49 5.69 25.75 -11.60
CA LYS H 49 6.89 25.01 -12.06
C LYS H 49 8.15 25.87 -12.14
N LYS H 50 8.04 27.05 -12.77
CA LYS H 50 9.15 28.06 -12.81
C LYS H 50 9.71 28.38 -11.42
N MET H 51 8.83 28.71 -10.50
CA MET H 51 9.23 28.98 -9.13
C MET H 51 10.05 27.83 -8.56
N VAL H 52 9.55 26.60 -8.75
CA VAL H 52 10.21 25.43 -8.18
C VAL H 52 11.54 25.20 -8.86
N ASP H 53 11.55 25.26 -10.20
CA ASP H 53 12.73 25.15 -11.01
C ASP H 53 13.76 26.28 -10.78
N SER H 54 13.38 27.42 -10.27
CA SER H 54 14.36 28.48 -10.00
C SER H 54 15.41 28.06 -8.99
N TYR H 55 15.13 27.00 -8.19
CA TYR H 55 16.04 26.57 -7.15
C TYR H 55 17.15 25.66 -7.66
N ARG H 56 17.02 25.13 -8.88
CA ARG H 56 18.14 24.38 -9.48
C ARG H 56 19.39 25.28 -9.48
N GLY H 57 20.51 24.79 -8.99
CA GLY H 57 21.73 25.63 -9.05
C GLY H 57 21.77 26.66 -7.91
N ARG H 58 20.72 26.71 -7.05
CA ARG H 58 20.72 27.65 -5.90
C ARG H 58 21.14 26.94 -4.61
N GLU H 59 22.17 27.45 -3.94
CA GLU H 59 22.65 26.96 -2.68
C GLU H 59 21.71 27.49 -1.61
N ILE H 60 20.88 26.59 -1.09
CA ILE H 60 19.82 26.99 -0.14
C ILE H 60 19.40 25.78 0.66
N LEU H 61 19.29 25.94 1.98
CA LEU H 61 18.83 24.86 2.84
C LEU H 61 17.31 24.72 2.63
N HIS H 62 16.80 23.50 2.72
CA HIS H 62 15.34 23.27 2.51
C HIS H 62 14.47 23.99 3.49
N GLU H 63 14.95 24.14 4.72
CA GLU H 63 14.34 25.04 5.76
C GLU H 63 14.11 26.47 5.26
N GLU H 64 15.04 27.00 4.43
CA GLU H 64 14.90 28.41 3.88
C GLU H 64 14.10 28.36 2.60
N LEU H 65 14.25 27.30 1.84
CA LEU H 65 13.49 27.22 0.61
C LEU H 65 11.98 27.23 0.81
N ALA H 66 11.51 26.55 1.83
CA ALA H 66 10.06 26.51 2.05
C ALA H 66 9.51 27.89 2.29
N VAL H 67 10.29 28.66 3.02
CA VAL H 67 9.93 30.07 3.41
C VAL H 67 10.02 30.95 2.14
N ASP H 68 11.11 30.81 1.41
CA ASP H 68 11.30 31.54 0.19
C ASP H 68 10.18 31.27 -0.83
N LEU H 69 9.92 30.00 -1.10
CA LEU H 69 8.81 29.65 -1.96
C LEU H 69 7.42 30.20 -1.52
N LEU H 70 7.16 30.22 -0.20
CA LEU H 70 5.87 30.77 0.30
C LEU H 70 5.78 32.26 -0.06
N GLU H 71 6.90 32.95 0.03
CA GLU H 71 6.98 34.35 -0.34
C GLU H 71 6.74 34.54 -1.84
N LYS H 72 7.24 33.66 -2.69
CA LYS H 72 7.04 33.83 -4.10
C LYS H 72 5.57 33.70 -4.43
N VAL H 73 4.92 32.75 -3.76
CA VAL H 73 3.52 32.47 -4.05
C VAL H 73 2.74 33.67 -3.57
N LYS H 74 3.03 34.17 -2.36
CA LYS H 74 2.27 35.30 -1.81
C LYS H 74 2.38 36.50 -2.71
N ALA H 75 3.59 36.77 -3.18
CA ALA H 75 3.84 37.90 -4.08
C ALA H 75 3.24 37.73 -5.48
N ALA H 76 3.03 36.50 -5.95
CA ALA H 76 2.51 36.32 -7.28
C ALA H 76 0.97 36.40 -7.34
N VAL H 77 0.30 35.76 -6.38
CA VAL H 77 -1.18 35.68 -6.29
C VAL H 77 -1.81 36.09 -4.95
N ASN H 78 -1.00 36.54 -4.00
CA ASN H 78 -1.50 37.12 -2.74
C ASN H 78 -2.65 36.38 -2.04
N PRO H 79 -2.49 35.06 -1.80
CA PRO H 79 -3.60 34.38 -1.17
C PRO H 79 -3.66 34.72 0.31
N PRO H 80 -4.82 34.51 0.93
CA PRO H 80 -4.99 34.75 2.35
C PRO H 80 -4.45 33.68 3.28
N TYR H 81 -4.25 32.47 2.75
CA TYR H 81 -3.71 31.31 3.44
C TYR H 81 -2.89 30.56 2.38
N VAL H 82 -1.62 30.34 2.74
CA VAL H 82 -0.70 29.42 2.04
C VAL H 82 -0.01 28.47 3.02
N LYS H 83 0.33 27.27 2.56
CA LYS H 83 1.22 26.45 3.30
C LYS H 83 2.11 25.79 2.29
N VAL H 84 3.41 25.78 2.58
CA VAL H 84 4.42 25.15 1.72
C VAL H 84 5.08 24.05 2.55
N THR H 85 5.15 22.81 2.02
CA THR H 85 5.80 21.72 2.70
C THR H 85 6.92 21.19 1.81
N VAL H 86 8.14 21.15 2.32
CA VAL H 86 9.26 20.60 1.54
C VAL H 86 9.72 19.38 2.27
N LYS H 87 9.80 18.27 1.52
CA LYS H 87 10.31 16.99 2.06
C LYS H 87 11.56 16.57 1.36
N SER H 88 12.55 16.13 2.13
CA SER H 88 13.72 15.61 1.56
C SER H 88 14.40 14.61 2.54
N TYR H 89 15.54 14.09 2.14
CA TYR H 89 16.19 13.00 2.85
C TYR H 89 17.65 13.27 2.86
N TYR H 90 18.20 13.31 4.05
CA TYR H 90 19.52 13.84 4.23
C TYR H 90 20.19 13.10 5.39
N ILE H 91 21.38 12.55 5.14
CA ILE H 91 22.16 11.80 6.10
C ILE H 91 21.31 10.79 6.81
N GLY H 92 20.46 10.13 6.06
CA GLY H 92 19.53 9.11 6.65
C GLY H 92 18.38 9.67 7.50
N VAL H 93 18.13 10.98 7.43
CA VAL H 93 16.98 11.62 8.10
C VAL H 93 15.95 12.03 7.08
N GLU H 94 14.71 11.60 7.23
CA GLU H 94 13.58 12.18 6.51
C GLU H 94 13.19 13.51 7.13
N VAL H 95 13.22 14.57 6.33
CA VAL H 95 12.97 15.91 6.80
C VAL H 95 11.71 16.46 6.10
N GLU H 96 10.78 17.05 6.87
CA GLU H 96 9.75 17.90 6.31
C GLU H 96 9.78 19.23 7.02
N VAL H 97 9.76 20.28 6.20
CA VAL H 97 9.76 21.59 6.67
C VAL H 97 8.47 22.22 6.16
N VAL H 98 7.72 22.88 7.04
CA VAL H 98 6.48 23.47 6.66
C VAL H 98 6.61 25.00 6.92
N ALA H 99 6.16 25.80 5.96
CA ALA H 99 6.07 27.26 6.13
C ALA H 99 4.66 27.68 5.85
N GLU H 100 4.11 28.51 6.69
CA GLU H 100 2.71 28.85 6.57
C GLU H 100 2.50 30.33 6.54
N SER H 101 1.34 30.70 6.08
CA SER H 101 0.75 31.86 6.60
C SER H 101 -0.81 31.65 6.80
N GLY H 102 -1.31 31.76 8.10
CA GLY H 102 -2.77 31.73 8.56
C GLY H 102 -3.41 30.42 9.16
N GLY H 103 -4.75 30.43 9.28
CA GLY H 103 -5.55 29.21 9.67
C GLY H 103 -6.29 28.41 8.57
N VAL H 104 -6.94 27.29 8.94
CA VAL H 104 -7.93 26.61 8.05
C VAL H 104 -8.76 25.60 8.84
N LYS I 6 -13.39 -15.15 -32.52
CA LYS I 6 -12.26 -15.79 -31.74
C LYS I 6 -12.63 -15.65 -30.27
N SER I 7 -12.22 -16.65 -29.49
CA SER I 7 -12.49 -16.62 -28.06
C SER I 7 -11.42 -15.79 -27.36
N PRO I 8 -11.73 -15.20 -26.18
CA PRO I 8 -10.58 -14.71 -25.40
C PRO I 8 -9.57 -15.84 -25.16
N SER I 9 -8.29 -15.46 -25.00
CA SER I 9 -7.22 -16.39 -24.55
C SER I 9 -7.28 -16.82 -23.10
N LEU I 10 -7.87 -15.98 -22.25
CA LEU I 10 -7.92 -16.27 -20.82
C LEU I 10 -8.99 -15.39 -20.17
N VAL I 11 -9.68 -15.93 -19.20
CA VAL I 11 -10.60 -15.14 -18.39
C VAL I 11 -10.27 -15.35 -16.91
N ARG I 12 -10.34 -14.25 -16.15
CA ARG I 12 -10.16 -14.29 -14.70
C ARG I 12 -11.41 -13.71 -14.07
N LEU I 13 -11.93 -14.43 -13.08
CA LEU I 13 -13.10 -14.05 -12.32
C LEU I 13 -12.73 -14.08 -10.85
N LYS I 14 -13.20 -13.09 -10.08
CA LYS I 14 -12.95 -13.08 -8.68
C LYS I 14 -14.14 -12.52 -7.95
N THR I 15 -14.54 -13.18 -6.89
CA THR I 15 -15.64 -12.67 -6.05
C THR I 15 -15.53 -13.21 -4.62
N ARG I 16 -16.41 -12.71 -3.76
CA ARG I 16 -16.45 -13.11 -2.38
C ARG I 16 -17.63 -14.08 -2.23
N GLY I 17 -17.51 -15.06 -1.37
CA GLY I 17 -18.62 -15.91 -1.01
C GLY I 17 -18.58 -16.34 0.45
N GLU I 18 -19.40 -17.32 0.73
CA GLU I 18 -19.43 -17.88 2.05
C GLU I 18 -19.96 -19.34 2.06
N SER I 19 -19.56 -20.03 3.12
CA SER I 19 -19.92 -21.42 3.35
C SER I 19 -20.02 -21.62 4.86
N VAL I 20 -20.16 -22.84 5.34
CA VAL I 20 -20.25 -23.08 6.78
C VAL I 20 -19.18 -24.11 7.08
N CYS I 21 -18.39 -23.86 8.12
CA CYS I 21 -17.28 -24.77 8.46
C CYS I 21 -17.88 -26.03 9.11
N PRO I 22 -17.62 -27.26 8.58
CA PRO I 22 -18.19 -28.46 9.16
C PRO I 22 -17.67 -28.76 10.54
N ILE I 23 -16.50 -28.20 10.90
CA ILE I 23 -15.95 -28.37 12.25
C ILE I 23 -16.63 -27.48 13.27
N SER I 24 -16.58 -26.19 13.08
CA SER I 24 -17.16 -25.23 13.99
C SER I 24 -18.64 -25.00 13.77
N LYS I 25 -19.19 -25.34 12.62
CA LYS I 25 -20.59 -25.03 12.28
C LYS I 25 -20.91 -23.55 12.05
N THR I 26 -19.85 -22.76 11.90
CA THR I 26 -19.97 -21.30 11.83
C THR I 26 -19.67 -20.86 10.38
N VAL I 27 -20.23 -19.71 10.02
CA VAL I 27 -20.03 -19.17 8.69
C VAL I 27 -18.57 -18.82 8.46
N ASP I 28 -17.97 -19.29 7.35
CA ASP I 28 -16.68 -18.77 6.93
CA ASP I 28 -16.69 -18.73 6.92
C ASP I 28 -16.85 -18.02 5.60
N SER I 29 -16.32 -16.83 5.56
CA SER I 29 -16.24 -16.03 4.42
C SER I 29 -15.04 -16.47 3.57
N PHE I 30 -15.09 -16.27 2.25
CA PHE I 30 -13.94 -16.55 1.42
C PHE I 30 -13.87 -15.67 0.22
N GLU I 31 -12.67 -15.57 -0.36
CA GLU I 31 -12.53 -14.93 -1.68
C GLU I 31 -12.16 -16.03 -2.64
N VAL I 32 -12.78 -16.05 -3.80
CA VAL I 32 -12.50 -17.11 -4.76
C VAL I 32 -12.15 -16.50 -6.10
N SER I 33 -11.10 -17.03 -6.71
CA SER I 33 -10.69 -16.63 -8.04
C SER I 33 -10.76 -17.88 -8.91
N VAL I 34 -11.24 -17.74 -10.12
CA VAL I 34 -11.23 -18.77 -11.18
C VAL I 34 -10.52 -18.14 -12.38
N GLU I 35 -9.67 -18.94 -13.02
CA GLU I 35 -8.93 -18.54 -14.17
C GLU I 35 -9.17 -19.66 -15.16
N TYR I 36 -9.50 -19.37 -16.43
CA TYR I 36 -9.59 -20.41 -17.41
C TYR I 36 -9.32 -19.99 -18.82
N ILE I 37 -9.01 -21.01 -19.64
CA ILE I 37 -8.83 -20.76 -21.08
C ILE I 37 -10.12 -21.18 -21.76
N PRO I 38 -10.86 -20.25 -22.39
CA PRO I 38 -12.10 -20.67 -23.14
C PRO I 38 -11.82 -21.61 -24.34
N ARG I 39 -12.62 -22.63 -24.57
CA ARG I 39 -12.62 -23.35 -25.85
C ARG I 39 -14.05 -23.28 -26.37
N GLY I 40 -14.30 -22.15 -26.99
CA GLY I 40 -15.59 -21.82 -27.55
C GLY I 40 -16.85 -21.83 -26.70
N ALA I 41 -16.74 -21.78 -25.38
CA ALA I 41 -17.86 -21.37 -24.54
C ALA I 41 -17.22 -20.53 -23.46
N VAL I 42 -17.78 -19.34 -23.21
CA VAL I 42 -17.38 -18.50 -22.12
C VAL I 42 -18.43 -18.70 -21.05
N LEU I 43 -18.03 -18.93 -19.80
CA LEU I 43 -18.96 -19.04 -18.68
C LEU I 43 -19.58 -17.68 -18.46
N ALA I 44 -20.88 -17.51 -18.66
CA ALA I 44 -21.56 -16.26 -18.29
C ALA I 44 -21.33 -15.92 -16.83
N ILE I 45 -21.20 -14.63 -16.54
CA ILE I 45 -20.88 -14.21 -15.20
C ILE I 45 -21.94 -14.62 -14.21
N GLU I 46 -23.20 -14.47 -14.64
CA GLU I 46 -24.38 -14.78 -13.84
CA GLU I 46 -24.39 -14.80 -13.86
C GLU I 46 -24.31 -16.24 -13.36
N GLU I 47 -23.77 -17.11 -14.19
CA GLU I 47 -23.62 -18.53 -13.92
C GLU I 47 -22.53 -18.78 -12.89
N PHE I 48 -21.41 -18.10 -13.10
CA PHE I 48 -20.32 -18.17 -12.12
C PHE I 48 -20.81 -17.73 -10.75
N LYS I 49 -21.46 -16.58 -10.70
CA LYS I 49 -22.04 -16.06 -9.45
C LYS I 49 -22.98 -17.07 -8.78
N LYS I 50 -23.83 -17.73 -9.54
CA LYS I 50 -24.70 -18.71 -8.94
C LYS I 50 -23.88 -19.95 -8.42
N MET I 51 -22.84 -20.38 -9.17
CA MET I 51 -21.99 -21.44 -8.64
C MET I 51 -21.45 -21.03 -7.27
N VAL I 52 -20.96 -19.80 -7.16
CA VAL I 52 -20.34 -19.39 -5.91
C VAL I 52 -21.40 -19.25 -4.82
N ASP I 53 -22.55 -18.63 -5.12
CA ASP I 53 -23.68 -18.49 -4.12
C ASP I 53 -24.15 -19.83 -3.61
N SER I 54 -24.01 -20.87 -4.44
CA SER I 54 -24.46 -22.23 -4.11
C SER I 54 -23.89 -22.81 -2.79
N TYR I 55 -22.72 -22.31 -2.36
CA TYR I 55 -22.07 -22.72 -1.15
C TYR I 55 -22.60 -22.04 0.10
N ARG I 56 -23.33 -20.94 0.01
CA ARG I 56 -23.91 -20.26 1.19
C ARG I 56 -24.73 -21.29 1.99
N GLY I 57 -24.52 -21.38 3.28
CA GLY I 57 -25.08 -22.42 4.19
C GLY I 57 -24.67 -23.90 4.02
N ARG I 58 -23.74 -24.16 3.09
CA ARG I 58 -23.35 -25.52 2.80
C ARG I 58 -22.21 -25.79 3.73
N GLU I 59 -22.29 -26.95 4.38
CA GLU I 59 -21.21 -27.42 5.20
C GLU I 59 -20.17 -28.09 4.31
N ILE I 60 -19.05 -27.38 4.12
CA ILE I 60 -18.04 -27.89 3.18
C ILE I 60 -16.66 -27.33 3.52
N LEU I 61 -15.62 -28.17 3.50
CA LEU I 61 -14.27 -27.68 3.74
C LEU I 61 -13.81 -26.89 2.52
N HIS I 62 -13.05 -25.83 2.76
CA HIS I 62 -12.61 -24.97 1.63
C HIS I 62 -11.75 -25.71 0.61
N GLU I 63 -10.98 -26.69 1.09
CA GLU I 63 -10.33 -27.70 0.23
C GLU I 63 -11.24 -28.47 -0.76
N GLU I 64 -12.40 -28.88 -0.28
CA GLU I 64 -13.40 -29.53 -1.10
C GLU I 64 -14.15 -28.52 -1.96
N LEU I 65 -14.37 -27.32 -1.41
CA LEU I 65 -15.05 -26.27 -2.19
C LEU I 65 -14.28 -25.97 -3.47
N ALA I 66 -12.95 -25.82 -3.34
CA ALA I 66 -12.11 -25.45 -4.51
C ALA I 66 -12.27 -26.49 -5.62
N VAL I 67 -12.19 -27.77 -5.24
CA VAL I 67 -12.23 -28.88 -6.19
C VAL I 67 -13.66 -29.01 -6.74
N ASP I 68 -14.64 -28.87 -5.85
CA ASP I 68 -16.04 -28.93 -6.30
C ASP I 68 -16.33 -27.81 -7.30
N LEU I 69 -15.88 -26.59 -6.99
CA LEU I 69 -16.08 -25.50 -7.97
C LEU I 69 -15.33 -25.70 -9.34
N LEU I 70 -14.10 -26.19 -9.28
CA LEU I 70 -13.38 -26.58 -10.49
C LEU I 70 -14.20 -27.49 -11.33
N GLU I 71 -14.80 -28.50 -10.70
CA GLU I 71 -15.53 -29.50 -11.44
C GLU I 71 -16.80 -28.87 -12.08
N LYS I 72 -17.45 -27.90 -11.42
CA LYS I 72 -18.58 -27.20 -11.94
C LYS I 72 -18.23 -26.36 -13.17
N VAL I 73 -17.08 -25.73 -13.14
CA VAL I 73 -16.63 -24.95 -14.29
C VAL I 73 -16.30 -25.89 -15.45
N LYS I 74 -15.56 -26.98 -15.18
CA LYS I 74 -15.27 -27.93 -16.28
C LYS I 74 -16.55 -28.50 -16.90
N ALA I 75 -17.55 -28.78 -16.07
CA ALA I 75 -18.79 -29.41 -16.59
C ALA I 75 -19.53 -28.45 -17.48
N ALA I 76 -19.71 -27.23 -16.99
CA ALA I 76 -20.33 -26.13 -17.72
C ALA I 76 -19.67 -25.69 -19.01
N VAL I 77 -18.35 -25.52 -19.03
CA VAL I 77 -17.69 -25.05 -20.28
C VAL I 77 -16.44 -25.79 -20.82
N ASN I 78 -16.12 -26.95 -20.25
N ASN I 78 -16.02 -26.84 -20.15
CA ASN I 78 -14.92 -27.79 -20.58
CA ASN I 78 -15.04 -27.79 -20.69
C ASN I 78 -13.71 -27.09 -21.12
C ASN I 78 -13.71 -27.14 -21.13
N PRO I 79 -13.11 -26.24 -20.31
CA PRO I 79 -11.92 -25.53 -20.83
C PRO I 79 -10.70 -26.35 -20.72
N PRO I 80 -9.73 -26.11 -21.58
CA PRO I 80 -8.48 -26.96 -21.50
C PRO I 80 -7.56 -26.65 -20.31
N TYR I 81 -7.83 -25.59 -19.56
CA TYR I 81 -7.12 -25.21 -18.35
C TYR I 81 -8.13 -24.50 -17.46
N VAL I 82 -8.13 -24.84 -16.20
CA VAL I 82 -8.91 -24.14 -15.15
C VAL I 82 -8.10 -24.08 -13.86
N LYS I 83 -8.07 -22.94 -13.17
CA LYS I 83 -7.48 -22.88 -11.85
C LYS I 83 -8.50 -22.19 -10.95
N VAL I 84 -8.80 -22.81 -9.80
CA VAL I 84 -9.65 -22.23 -8.79
C VAL I 84 -8.83 -21.97 -7.51
N THR I 85 -8.86 -20.74 -6.98
CA THR I 85 -8.23 -20.45 -5.78
C THR I 85 -9.20 -19.91 -4.71
N VAL I 86 -9.20 -20.53 -3.55
CA VAL I 86 -10.08 -20.11 -2.48
C VAL I 86 -9.24 -19.61 -1.32
N LYS I 87 -9.51 -18.40 -0.86
CA LYS I 87 -8.70 -17.80 0.18
C LYS I 87 -9.59 -17.47 1.30
N SER I 88 -9.19 -17.84 2.48
CA SER I 88 -10.00 -17.59 3.69
C SER I 88 -9.10 -17.50 4.94
N TYR I 89 -9.69 -17.28 6.12
CA TYR I 89 -8.97 -17.04 7.36
C TYR I 89 -9.66 -17.85 8.42
N TYR I 90 -8.95 -18.68 9.13
CA TYR I 90 -9.56 -19.58 10.05
C TYR I 90 -8.61 -19.83 11.21
N ILE I 91 -9.10 -19.60 12.45
CA ILE I 91 -8.33 -19.75 13.69
C ILE I 91 -6.93 -19.14 13.62
N GLY I 92 -6.93 -17.93 13.05
CA GLY I 92 -5.70 -17.14 12.99
C GLY I 92 -4.74 -17.52 11.85
N VAL I 93 -5.19 -18.39 10.95
CA VAL I 93 -4.39 -18.90 9.84
C VAL I 93 -4.96 -18.40 8.52
N GLU I 94 -4.12 -17.81 7.66
CA GLU I 94 -4.54 -17.44 6.32
C GLU I 94 -4.42 -18.67 5.46
N VAL I 95 -5.45 -19.02 4.74
CA VAL I 95 -5.46 -20.29 3.97
C VAL I 95 -5.72 -19.98 2.51
N GLU I 96 -5.03 -20.68 1.60
CA GLU I 96 -5.32 -20.57 0.20
C GLU I 96 -5.25 -21.97 -0.27
N VAL I 97 -6.34 -22.40 -0.88
CA VAL I 97 -6.42 -23.70 -1.53
C VAL I 97 -6.57 -23.51 -3.06
N VAL I 98 -5.78 -24.28 -3.82
CA VAL I 98 -5.81 -24.15 -5.20
C VAL I 98 -6.20 -25.50 -5.80
N ALA I 99 -7.16 -25.48 -6.70
CA ALA I 99 -7.47 -26.63 -7.53
C ALA I 99 -7.25 -26.30 -9.01
N GLU I 100 -6.58 -27.16 -9.76
CA GLU I 100 -5.98 -26.75 -11.04
C GLU I 100 -6.15 -27.92 -12.01
N SER I 101 -6.61 -27.68 -13.20
CA SER I 101 -6.75 -28.74 -14.17
C SER I 101 -6.28 -28.32 -15.59
N GLY I 102 -5.46 -29.12 -16.28
CA GLY I 102 -5.11 -28.81 -17.67
C GLY I 102 -3.96 -27.83 -17.76
N GLY I 103 -3.90 -27.11 -18.85
CA GLY I 103 -2.91 -26.15 -19.05
C GLY I 103 -2.79 -25.87 -20.51
N VAL I 104 -1.70 -25.21 -20.86
CA VAL I 104 -1.35 -24.96 -22.22
C VAL I 104 -0.49 -26.19 -22.58
N PRO I 105 -0.85 -26.91 -23.64
CA PRO I 105 -0.03 -28.15 -23.92
C PRO I 105 1.37 -27.77 -24.41
N PRO I 106 2.47 -28.26 -23.79
CA PRO I 106 3.77 -27.67 -24.20
C PRO I 106 4.20 -28.03 -25.63
N VAL I 107 5.10 -27.20 -26.18
CA VAL I 107 5.44 -27.18 -27.61
C VAL I 107 6.10 -28.48 -28.04
N LYS J 6 16.56 1.10 -35.48
CA LYS J 6 16.47 0.71 -34.03
C LYS J 6 15.28 1.43 -33.40
N SER J 7 14.24 0.66 -33.10
CA SER J 7 13.01 1.18 -32.48
C SER J 7 12.63 0.39 -31.17
N PRO J 8 11.51 0.76 -30.50
CA PRO J 8 11.31 0.14 -29.17
C PRO J 8 11.05 -1.36 -29.19
N SER J 9 11.51 -2.03 -28.13
CA SER J 9 11.38 -3.49 -28.05
C SER J 9 10.02 -3.87 -27.47
N LEU J 10 9.32 -2.93 -26.77
CA LEU J 10 8.01 -3.21 -26.18
C LEU J 10 7.33 -1.90 -25.79
N VAL J 11 6.08 -1.78 -26.11
CA VAL J 11 5.24 -0.73 -25.58
C VAL J 11 4.09 -1.27 -24.68
N ARG J 12 3.83 -0.55 -23.61
CA ARG J 12 2.74 -0.84 -22.68
C ARG J 12 1.84 0.40 -22.60
N LEU J 13 0.58 0.22 -22.88
CA LEU J 13 -0.42 1.29 -22.81
C LEU J 13 -1.53 0.88 -21.84
N LYS J 14 -2.10 1.82 -21.09
CA LYS J 14 -3.19 1.51 -20.20
C LYS J 14 -4.14 2.65 -20.17
N THR J 15 -5.44 2.41 -20.26
CA THR J 15 -6.38 3.50 -20.10
C THR J 15 -7.77 2.98 -19.64
N ARG J 16 -8.73 3.88 -19.48
CA ARG J 16 -10.11 3.58 -19.05
C ARG J 16 -10.97 3.67 -20.29
N GLY J 17 -12.03 2.90 -20.35
CA GLY J 17 -13.13 3.21 -21.34
C GLY J 17 -14.49 2.73 -20.88
N GLU J 18 -15.45 2.65 -21.82
CA GLU J 18 -16.85 2.37 -21.58
C GLU J 18 -17.42 1.67 -22.77
N SER J 19 -18.29 0.71 -22.53
CA SER J 19 -19.15 0.14 -23.57
C SER J 19 -20.58 0.08 -23.00
N VAL J 20 -21.45 -0.63 -23.74
CA VAL J 20 -22.85 -0.85 -23.29
C VAL J 20 -23.07 -2.34 -23.16
N CYS J 21 -23.52 -2.75 -21.97
CA CYS J 21 -23.82 -4.14 -21.69
C CYS J 21 -25.09 -4.57 -22.47
N PRO J 22 -24.99 -5.59 -23.37
CA PRO J 22 -26.21 -5.98 -24.15
C PRO J 22 -27.36 -6.62 -23.34
N ILE J 23 -27.11 -7.13 -22.14
CA ILE J 23 -28.22 -7.67 -21.30
C ILE J 23 -28.90 -6.43 -20.63
N SER J 24 -28.16 -5.75 -19.77
CA SER J 24 -28.71 -4.65 -19.00
C SER J 24 -29.00 -3.36 -19.82
N LYS J 25 -28.41 -3.19 -21.02
CA LYS J 25 -28.32 -1.87 -21.71
C LYS J 25 -27.79 -0.71 -20.85
N THR J 26 -26.95 -0.99 -19.89
CA THR J 26 -26.37 0.08 -19.13
C THR J 26 -24.85 0.07 -19.34
N VAL J 27 -24.26 1.21 -18.95
CA VAL J 27 -22.92 1.63 -19.26
C VAL J 27 -22.02 0.68 -18.50
N ASP J 28 -21.02 0.15 -19.20
CA ASP J 28 -20.21 -0.99 -18.72
C ASP J 28 -18.78 -0.45 -18.79
N SER J 29 -18.30 0.04 -17.65
CA SER J 29 -17.04 0.77 -17.56
C SER J 29 -15.80 -0.23 -17.46
N PHE J 30 -14.64 0.10 -17.99
CA PHE J 30 -13.52 -0.84 -17.98
C PHE J 30 -12.15 -0.19 -17.97
N GLU J 31 -11.14 -0.95 -17.57
CA GLU J 31 -9.74 -0.54 -17.68
C GLU J 31 -9.20 -1.45 -18.74
N VAL J 32 -8.40 -0.90 -19.65
CA VAL J 32 -7.77 -1.69 -20.70
C VAL J 32 -6.26 -1.49 -20.72
N SER J 33 -5.55 -2.62 -20.75
CA SER J 33 -4.09 -2.66 -20.88
C SER J 33 -3.73 -3.33 -22.19
N VAL J 34 -2.84 -2.71 -22.95
CA VAL J 34 -2.31 -3.32 -24.14
C VAL J 34 -0.80 -3.37 -24.06
N GLU J 35 -0.22 -4.53 -24.39
CA GLU J 35 1.24 -4.51 -24.63
C GLU J 35 1.58 -5.10 -25.95
N TYR J 36 2.62 -4.56 -26.59
CA TYR J 36 2.91 -5.11 -27.93
C TYR J 36 4.33 -4.91 -28.27
N ILE J 37 4.85 -5.73 -29.19
CA ILE J 37 6.23 -5.57 -29.68
C ILE J 37 6.14 -4.83 -31.01
N PRO J 38 6.71 -3.63 -31.13
CA PRO J 38 6.59 -2.99 -32.44
C PRO J 38 7.46 -3.74 -33.44
N ARG J 39 6.94 -4.00 -34.63
CA ARG J 39 7.82 -4.41 -35.75
C ARG J 39 7.54 -3.57 -36.90
N GLY J 40 8.38 -2.54 -36.95
CA GLY J 40 8.29 -1.47 -37.89
C GLY J 40 7.59 -0.40 -37.12
N ALA J 41 6.31 -0.63 -36.89
CA ALA J 41 5.44 0.47 -36.67
C ALA J 41 5.03 0.62 -35.16
N VAL J 42 5.12 1.86 -34.63
CA VAL J 42 4.55 2.24 -33.29
C VAL J 42 3.15 2.83 -33.46
N LEU J 43 2.19 2.30 -32.73
CA LEU J 43 0.85 2.81 -32.68
C LEU J 43 0.83 4.20 -32.06
N ALA J 44 0.32 5.19 -32.78
CA ALA J 44 0.19 6.56 -32.23
C ALA J 44 -0.76 6.52 -31.04
N ILE J 45 -0.49 7.28 -29.98
CA ILE J 45 -1.36 7.24 -28.74
C ILE J 45 -2.79 7.72 -29.08
N GLU J 46 -2.88 8.83 -29.78
CA GLU J 46 -4.15 9.33 -30.33
C GLU J 46 -4.94 8.20 -30.97
N GLU J 47 -4.28 7.42 -31.83
CA GLU J 47 -4.94 6.35 -32.56
C GLU J 47 -5.42 5.20 -31.65
N PHE J 48 -4.58 4.85 -30.70
CA PHE J 48 -5.00 3.88 -29.66
C PHE J 48 -6.19 4.38 -28.88
N LYS J 49 -6.06 5.60 -28.41
CA LYS J 49 -7.20 6.24 -27.75
C LYS J 49 -8.54 6.24 -28.54
N LYS J 50 -8.47 6.46 -29.85
CA LYS J 50 -9.59 6.39 -30.72
C LYS J 50 -10.15 4.95 -30.81
N MET J 51 -9.28 3.95 -30.78
CA MET J 51 -9.75 2.58 -30.72
C MET J 51 -10.60 2.32 -29.49
N VAL J 52 -10.09 2.76 -28.37
CA VAL J 52 -10.74 2.51 -27.09
C VAL J 52 -12.07 3.28 -27.01
N ASP J 53 -12.02 4.55 -27.38
CA ASP J 53 -13.23 5.36 -27.41
C ASP J 53 -14.34 4.88 -28.37
N SER J 54 -13.97 4.12 -29.41
CA SER J 54 -14.93 3.60 -30.40
C SER J 54 -15.97 2.68 -29.76
N TYR J 55 -15.62 2.08 -28.60
CA TYR J 55 -16.61 1.23 -27.88
C TYR J 55 -17.69 1.97 -27.09
N ARG J 56 -17.49 3.26 -26.88
CA ARG J 56 -18.41 4.06 -26.07
C ARG J 56 -19.79 4.08 -26.80
N GLY J 57 -20.83 3.72 -26.07
CA GLY J 57 -22.19 3.57 -26.65
C GLY J 57 -22.38 2.33 -27.54
N ARG J 58 -21.37 1.48 -27.68
CA ARG J 58 -21.54 0.23 -28.39
C ARG J 58 -21.93 -0.86 -27.42
N GLU J 59 -23.00 -1.57 -27.80
CA GLU J 59 -23.47 -2.80 -27.20
C GLU J 59 -22.50 -3.88 -27.60
N ILE J 60 -21.61 -4.27 -26.70
CA ILE J 60 -20.61 -5.35 -26.97
C ILE J 60 -20.19 -5.89 -25.62
N LEU J 61 -20.05 -7.21 -25.51
CA LEU J 61 -19.68 -7.83 -24.23
C LEU J 61 -18.19 -7.58 -24.07
N HIS J 62 -17.69 -7.44 -22.86
CA HIS J 62 -16.20 -7.29 -22.68
C HIS J 62 -15.29 -8.43 -23.20
N GLU J 63 -15.77 -9.69 -23.23
CA GLU J 63 -15.00 -10.71 -23.99
C GLU J 63 -14.83 -10.48 -25.48
N GLU J 64 -15.85 -9.88 -26.10
CA GLU J 64 -15.82 -9.53 -27.54
C GLU J 64 -14.90 -8.30 -27.77
N LEU J 65 -15.05 -7.31 -26.90
CA LEU J 65 -14.28 -6.09 -26.97
C LEU J 65 -12.77 -6.33 -26.97
N ALA J 66 -12.30 -7.17 -26.05
CA ALA J 66 -10.89 -7.49 -25.95
C ALA J 66 -10.33 -8.04 -27.22
N VAL J 67 -11.04 -9.00 -27.80
CA VAL J 67 -10.71 -9.66 -29.06
C VAL J 67 -10.82 -8.62 -30.16
N ASP J 68 -11.93 -7.86 -30.19
CA ASP J 68 -12.09 -6.81 -31.21
C ASP J 68 -10.87 -5.84 -31.20
N LEU J 69 -10.45 -5.43 -30.02
CA LEU J 69 -9.36 -4.47 -29.90
C LEU J 69 -7.99 -5.04 -30.31
N LEU J 70 -7.76 -6.29 -29.96
CA LEU J 70 -6.59 -7.01 -30.40
C LEU J 70 -6.50 -7.03 -31.93
N GLU J 71 -7.60 -7.35 -32.59
CA GLU J 71 -7.63 -7.31 -34.10
C GLU J 71 -7.39 -5.91 -34.62
N LYS J 72 -7.91 -4.90 -33.94
CA LYS J 72 -7.68 -3.54 -34.40
C LYS J 72 -6.17 -3.23 -34.35
N VAL J 73 -5.48 -3.64 -33.26
CA VAL J 73 -4.08 -3.32 -33.10
C VAL J 73 -3.28 -4.13 -34.10
N LYS J 74 -3.73 -5.35 -34.35
CA LYS J 74 -3.05 -6.13 -35.40
C LYS J 74 -3.21 -5.55 -36.80
N ALA J 75 -4.44 -5.20 -37.14
CA ALA J 75 -4.71 -4.52 -38.41
C ALA J 75 -3.97 -3.18 -38.49
N ALA J 76 -3.81 -2.43 -37.41
CA ALA J 76 -3.13 -1.09 -37.56
C ALA J 76 -1.63 -1.13 -37.76
N VAL J 77 -0.96 -2.03 -37.07
CA VAL J 77 0.50 -2.02 -36.88
C VAL J 77 1.17 -3.43 -36.92
N ASN J 78 0.40 -4.49 -37.19
CA ASN J 78 0.87 -5.92 -37.26
C ASN J 78 2.06 -6.39 -36.38
N PRO J 79 1.95 -6.20 -35.08
CA PRO J 79 3.06 -6.61 -34.27
C PRO J 79 3.14 -8.14 -34.16
N PRO J 80 4.34 -8.68 -33.97
CA PRO J 80 4.46 -10.11 -33.79
C PRO J 80 3.92 -10.62 -32.48
N TYR J 81 3.71 -9.71 -31.52
CA TYR J 81 3.13 -10.02 -30.25
C TYR J 81 2.23 -8.92 -29.81
N VAL J 82 1.00 -9.26 -29.45
CA VAL J 82 0.11 -8.32 -28.83
C VAL J 82 -0.66 -8.99 -27.73
N LYS J 83 -0.91 -8.28 -26.65
CA LYS J 83 -1.79 -8.80 -25.60
C LYS J 83 -2.72 -7.70 -25.10
N VAL J 84 -4.04 -7.98 -25.04
CA VAL J 84 -4.97 -7.00 -24.59
C VAL J 84 -5.67 -7.59 -23.35
N THR J 85 -5.78 -6.81 -22.27
CA THR J 85 -6.47 -7.25 -21.06
C THR J 85 -7.54 -6.18 -20.77
N VAL J 86 -8.83 -6.57 -20.72
CA VAL J 86 -9.93 -5.76 -20.26
C VAL J 86 -10.39 -6.19 -18.83
N LYS J 87 -10.40 -5.25 -17.90
CA LYS J 87 -10.87 -5.42 -16.53
C LYS J 87 -12.10 -4.64 -16.22
N SER J 88 -13.08 -5.30 -15.66
CA SER J 88 -14.35 -4.72 -15.38
C SER J 88 -15.03 -5.39 -14.16
N TYR J 89 -16.18 -4.85 -13.77
CA TYR J 89 -16.84 -5.30 -12.59
C TYR J 89 -18.31 -5.45 -12.86
N TYR J 90 -18.91 -6.60 -12.57
CA TYR J 90 -20.30 -6.79 -12.89
C TYR J 90 -20.83 -7.71 -11.81
N ILE J 91 -21.97 -7.38 -11.24
CA ILE J 91 -22.66 -8.16 -10.16
C ILE J 91 -21.78 -8.68 -9.05
N GLY J 92 -20.86 -7.83 -8.63
CA GLY J 92 -20.00 -8.24 -7.56
C GLY J 92 -18.80 -9.11 -7.89
N VAL J 93 -18.60 -9.37 -9.19
CA VAL J 93 -17.46 -10.14 -9.73
C VAL J 93 -16.48 -9.22 -10.47
N GLU J 94 -15.19 -9.35 -10.15
CA GLU J 94 -14.13 -8.72 -10.88
C GLU J 94 -13.76 -9.60 -11.98
N VAL J 95 -13.78 -9.06 -13.17
CA VAL J 95 -13.61 -9.85 -14.41
C VAL J 95 -12.34 -9.34 -15.14
N GLU J 96 -11.47 -10.25 -15.65
CA GLU J 96 -10.38 -9.82 -16.59
C GLU J 96 -10.45 -10.69 -17.78
N VAL J 97 -10.46 -10.10 -18.96
CA VAL J 97 -10.48 -10.84 -20.22
C VAL J 97 -9.19 -10.49 -20.94
N VAL J 98 -8.49 -11.53 -21.40
CA VAL J 98 -7.22 -11.38 -22.02
C VAL J 98 -7.36 -11.92 -23.39
N ALA J 99 -6.82 -11.21 -24.36
CA ALA J 99 -6.83 -11.72 -25.74
C ALA J 99 -5.45 -11.50 -26.24
N GLU J 100 -4.80 -12.58 -26.68
CA GLU J 100 -3.34 -12.58 -26.86
C GLU J 100 -2.98 -13.19 -28.18
N SER J 101 -1.98 -12.67 -28.84
CA SER J 101 -1.57 -13.24 -30.13
C SER J 101 -0.06 -13.04 -30.44
N GLY J 102 0.50 -14.08 -31.04
CA GLY J 102 1.89 -14.20 -31.34
C GLY J 102 2.75 -14.54 -30.14
N GLY J 103 3.98 -14.08 -30.21
CA GLY J 103 4.96 -14.36 -29.20
C GLY J 103 5.58 -15.70 -29.48
N VAL J 104 6.88 -15.74 -29.34
CA VAL J 104 7.54 -17.03 -29.09
C VAL J 104 7.13 -17.38 -27.65
N PRO J 105 7.08 -18.69 -27.28
CA PRO J 105 6.95 -19.13 -25.88
C PRO J 105 7.58 -18.26 -24.77
S SCN K . -17.53 -16.11 20.41
C SCN K . -17.33 -15.19 19.22
N SCN K . -17.09 -14.56 18.31
S SCN L . 17.80 -15.81 17.90
C SCN L . 17.11 -15.97 16.56
N SCN L . 16.63 -16.37 15.58
C1 PGE M . 13.71 5.81 2.03
O1 PGE M . 13.75 5.56 3.43
C2 PGE M . 12.97 7.12 1.90
O2 PGE M . 12.94 7.48 0.52
C3 PGE M . 13.90 8.46 0.13
C4 PGE M . 13.59 8.97 -1.28
O4 PGE M . 10.32 8.27 -4.73
C6 PGE M . 10.78 7.88 -3.42
C5 PGE M . 12.09 8.61 -3.15
O3 PGE M . 12.79 8.03 -2.03
S SCN N . 29.31 9.10 -3.53
C SCN N . 28.03 8.62 -4.18
N SCN N . 27.08 8.23 -4.67
C1 PGE O . 10.33 -2.34 10.33
O1 PGE O . 11.08 -1.46 9.40
C2 PGE O . 10.28 -3.81 9.80
O2 PGE O . 9.07 -4.55 10.14
C3 PGE O . 9.08 -5.18 11.45
C4 PGE O . 7.67 -5.12 11.98
O4 PGE O . 3.61 -7.17 12.81
C6 PGE O . 4.56 -6.16 12.36
C5 PGE O . 5.99 -6.63 12.74
O3 PGE O . 6.99 -6.39 11.78
S SCN P . 15.11 -3.62 26.89
C SCN P . 13.90 -3.60 26.01
N SCN P . 12.96 -3.58 25.38
S SCN Q . -29.52 0.94 -7.94
C SCN Q . -28.10 1.34 -7.70
N SCN Q . -26.99 1.62 -7.56
C1 PGE R . 2.53 9.98 -9.25
O1 PGE R . 3.56 10.56 -10.11
C2 PGE R . 1.12 10.55 -9.53
O2 PGE R . 0.37 9.79 -10.50
C3 PGE R . 0.82 9.87 -11.87
C4 PGE R . -0.36 9.90 -12.85
O4 PGE R . -4.33 7.51 -12.21
C6 PGE R . -3.30 7.52 -13.21
C5 PGE R . -2.49 8.82 -13.11
O3 PGE R . -1.07 8.63 -12.87
S SCN S . -5.17 22.87 -18.53
C SCN S . -5.73 21.74 -17.72
N SCN S . -6.23 20.87 -17.16
S SCN T . 3.97 14.28 -27.68
C SCN T . 3.61 13.59 -26.41
N SCN T . 3.31 13.01 -25.45
S SCN U . 23.26 21.12 2.76
C SCN U . 22.20 20.04 2.62
N SCN U . 21.37 19.23 2.53
O1 PG4 V . -5.00 -11.09 9.23
C1 PG4 V . -5.76 -10.96 8.00
C2 PG4 V . -7.26 -11.10 8.30
O2 PG4 V . -8.01 -10.69 7.16
C3 PG4 V . -9.43 -10.80 7.28
C4 PG4 V . -10.07 -10.63 5.89
O3 PG4 V . -11.02 -9.53 5.83
C5 PG4 V . -11.09 -8.75 4.62
C6 PG4 V . -11.31 -9.58 3.34
O4 PG4 V . -10.04 -10.10 2.84
C7 PG4 V . -10.14 -11.34 2.11
C8 PG4 V . -9.18 -12.52 2.40
O5 PG4 V . -9.86 -13.77 2.14
S SCN W . -13.66 -25.82 8.32
C SCN W . -13.10 -24.55 7.74
N SCN W . -12.69 -23.62 7.21
S SCN X . -23.05 -7.33 -20.30
C SCN X . -22.01 -7.51 -19.23
N SCN X . -21.21 -7.65 -18.40
#